data_2DWU
#
_entry.id   2DWU
#
_cell.length_a   85.783
_cell.length_b   49.659
_cell.length_c   198.252
_cell.angle_alpha   90.000
_cell.angle_beta   90.065
_cell.angle_gamma   90.000
#
_symmetry.space_group_name_H-M   'C 1 2 1'
#
loop_
_entity.id
_entity.type
_entity.pdbx_description
1 polymer 'Glutamate racemase'
2 non-polymer 'POTASSIUM ION'
3 non-polymer 'D-GLUTAMIC ACID'
4 non-polymer GLYCEROL
5 water water
#
_entity_poly.entity_id   1
_entity_poly.type   'polypeptide(L)'
_entity_poly.pdbx_seq_one_letter_code
;MSVCHKHSVIGVLDSGVGGLTVASEIIRQLPKESICYIGDNERCPYGPRSVEEVQSFVFEMVEFLKQFPLKALVVACNTA
AAATLAALQEALSIPVIGVIHPGARAAIKVTKKGKIGVIGTVGTIQSNMYEKALHELDTYLKVHSHACPTLATVVENRLE
DTAYVTQQVKQALLPLTKEDIDTLILGCTHYPLLESYIKKELGEDVTIISSAEETAIELSTILQHKGILADNLNPKHRFF
TTGSVSSFEHIAERWLGYQISVDCVDLPVKNARICN
;
_entity_poly.pdbx_strand_id   A,B,C
#
# COMPACT_ATOMS: atom_id res chain seq x y z
N HIS A 5 28.89 -14.48 11.32
CA HIS A 5 27.53 -14.35 11.93
C HIS A 5 27.37 -12.94 12.48
N LYS A 6 28.03 -11.99 11.80
CA LYS A 6 28.06 -10.57 12.18
C LYS A 6 27.99 -10.30 13.67
N HIS A 7 29.12 -9.82 14.16
CA HIS A 7 29.29 -9.54 15.55
C HIS A 7 29.48 -8.06 15.83
N SER A 8 29.23 -7.23 14.82
N SER A 8 29.21 -7.24 14.81
CA SER A 8 29.40 -5.80 14.97
CA SER A 8 29.36 -5.80 14.94
C SER A 8 28.35 -5.18 15.89
C SER A 8 28.32 -5.15 15.85
N VAL A 9 28.73 -4.08 16.53
CA VAL A 9 27.87 -3.40 17.49
C VAL A 9 27.54 -1.98 17.08
N ILE A 10 26.53 -1.44 17.75
CA ILE A 10 26.14 -0.05 17.53
C ILE A 10 26.85 0.75 18.62
N GLY A 11 27.77 1.65 18.22
CA GLY A 11 28.44 2.48 19.20
C GLY A 11 27.50 3.65 19.52
N VAL A 12 27.39 4.01 20.79
CA VAL A 12 26.52 5.14 21.19
C VAL A 12 27.32 6.03 22.12
N LEU A 13 27.41 7.32 21.80
CA LEU A 13 28.14 8.21 22.69
C LEU A 13 27.23 9.35 23.20
N ASP A 14 27.51 9.79 24.43
CA ASP A 14 26.70 10.84 25.04
C ASP A 14 27.56 11.57 26.05
N SER A 15 27.11 12.73 26.52
CA SER A 15 27.87 13.43 27.52
C SER A 15 27.77 12.78 28.91
N GLY A 16 26.79 11.90 29.13
CA GLY A 16 26.64 11.27 30.44
C GLY A 16 25.59 10.17 30.50
N VAL A 17 24.60 10.33 31.37
N VAL A 17 24.60 10.34 31.36
CA VAL A 17 23.53 9.36 31.52
CA VAL A 17 23.55 9.34 31.50
C VAL A 17 22.30 9.66 30.66
C VAL A 17 22.28 9.67 30.70
N GLY A 18 22.16 10.91 30.24
CA GLY A 18 21.00 11.29 29.44
C GLY A 18 20.76 10.40 28.24
N GLY A 19 21.84 10.04 27.56
CA GLY A 19 21.76 9.20 26.38
C GLY A 19 21.11 7.84 26.60
N LEU A 20 20.86 7.47 27.86
CA LEU A 20 20.16 6.21 28.11
C LEU A 20 18.76 6.27 27.51
N THR A 21 18.19 7.47 27.32
CA THR A 21 16.88 7.51 26.68
C THR A 21 16.98 7.00 25.24
N VAL A 22 18.07 7.35 24.57
CA VAL A 22 18.31 6.92 23.19
C VAL A 22 18.65 5.43 23.20
N ALA A 23 19.50 5.03 24.12
CA ALA A 23 19.85 3.61 24.19
C ALA A 23 18.61 2.73 24.41
N SER A 24 17.72 3.14 25.30
N SER A 24 17.74 3.15 25.30
CA SER A 24 16.52 2.35 25.56
CA SER A 24 16.53 2.42 25.58
C SER A 24 15.65 2.21 24.32
C SER A 24 15.67 2.22 24.34
N GLU A 25 15.56 3.26 23.51
CA GLU A 25 14.77 3.17 22.30
C GLU A 25 15.41 2.27 21.24
N ILE A 26 16.73 2.26 21.17
CA ILE A 26 17.41 1.35 20.23
C ILE A 26 17.20 -0.09 20.68
N ILE A 27 17.32 -0.33 21.99
CA ILE A 27 17.10 -1.68 22.52
C ILE A 27 15.66 -2.13 22.25
N ARG A 28 14.70 -1.22 22.32
CA ARG A 28 13.31 -1.59 22.10
C ARG A 28 12.95 -1.81 20.62
N GLN A 29 13.37 -0.89 19.75
CA GLN A 29 13.01 -0.98 18.33
C GLN A 29 13.95 -1.83 17.48
N LEU A 30 15.14 -2.09 17.99
CA LEU A 30 16.13 -2.91 17.27
C LEU A 30 16.65 -3.92 18.29
N PRO A 31 15.76 -4.79 18.76
CA PRO A 31 16.14 -5.79 19.77
C PRO A 31 17.18 -6.80 19.41
N LYS A 32 17.58 -6.87 18.15
CA LYS A 32 18.64 -7.83 17.79
C LYS A 32 20.03 -7.19 17.75
N GLU A 33 20.09 -5.86 17.87
CA GLU A 33 21.38 -5.16 17.83
C GLU A 33 22.04 -5.10 19.22
N SER A 34 23.37 -4.99 19.22
CA SER A 34 24.16 -4.93 20.45
C SER A 34 24.71 -3.53 20.61
N ILE A 35 24.48 -2.97 21.79
N ILE A 35 24.52 -2.93 21.77
CA ILE A 35 24.89 -1.62 22.12
CA ILE A 35 25.03 -1.58 21.97
C ILE A 35 26.20 -1.55 22.89
C ILE A 35 26.26 -1.53 22.85
N CYS A 36 27.04 -0.58 22.51
N CYS A 36 27.15 -0.60 22.52
CA CYS A 36 28.30 -0.32 23.22
CA CYS A 36 28.36 -0.33 23.29
C CYS A 36 28.18 1.18 23.47
C CYS A 36 28.27 1.17 23.51
N TYR A 37 27.89 1.55 24.72
CA TYR A 37 27.66 2.94 25.09
C TYR A 37 28.73 3.58 25.94
N ILE A 38 29.06 4.84 25.64
N ILE A 38 29.08 4.83 25.66
CA ILE A 38 30.03 5.59 26.44
CA ILE A 38 30.02 5.54 26.51
C ILE A 38 29.38 6.93 26.82
C ILE A 38 29.42 6.91 26.83
N GLY A 39 29.39 7.23 28.12
CA GLY A 39 28.86 8.50 28.61
C GLY A 39 30.02 9.22 29.29
N ASP A 40 30.28 10.46 28.91
CA ASP A 40 31.40 11.22 29.47
C ASP A 40 30.99 11.98 30.72
N ASN A 41 30.43 11.27 31.70
CA ASN A 41 29.93 11.95 32.91
C ASN A 41 30.92 12.87 33.62
N GLU A 42 32.20 12.54 33.56
CA GLU A 42 33.20 13.38 34.23
C GLU A 42 33.25 14.81 33.67
N ARG A 43 32.83 14.98 32.41
CA ARG A 43 32.85 16.31 31.80
C ARG A 43 31.47 16.84 31.44
N CYS A 44 30.44 16.17 31.93
CA CYS A 44 29.05 16.59 31.71
C CYS A 44 28.85 17.77 32.67
N PRO A 45 28.12 18.82 32.27
CA PRO A 45 27.43 19.00 30.98
C PRO A 45 28.21 19.58 29.83
N TYR A 46 27.79 19.21 28.62
CA TYR A 46 28.37 19.75 27.39
C TYR A 46 27.60 21.01 26.95
N GLY A 47 26.35 21.13 27.41
CA GLY A 47 25.52 22.24 26.99
C GLY A 47 26.13 23.63 27.02
N PRO A 48 26.82 24.00 28.12
N PRO A 48 26.82 24.01 28.10
CA PRO A 48 27.46 25.31 28.24
CA PRO A 48 27.41 25.35 28.09
C PRO A 48 28.88 25.42 27.73
C PRO A 48 28.83 25.45 27.55
N ARG A 49 29.42 24.32 27.20
CA ARG A 49 30.79 24.32 26.69
C ARG A 49 30.98 24.85 25.28
N SER A 50 32.20 25.25 24.95
CA SER A 50 32.47 25.74 23.61
C SER A 50 32.39 24.61 22.59
N VAL A 51 32.09 24.97 21.35
CA VAL A 51 31.99 23.98 20.29
C VAL A 51 33.31 23.23 20.10
N GLU A 52 34.43 23.94 20.10
CA GLU A 52 35.73 23.31 19.91
C GLU A 52 36.01 22.29 20.99
N GLU A 53 35.66 22.62 22.22
CA GLU A 53 35.89 21.71 23.33
C GLU A 53 35.01 20.46 23.18
N VAL A 54 33.74 20.66 22.89
CA VAL A 54 32.83 19.53 22.73
C VAL A 54 33.34 18.62 21.62
N GLN A 55 33.75 19.20 20.49
CA GLN A 55 34.24 18.39 19.38
C GLN A 55 35.42 17.54 19.84
N SER A 56 36.32 18.14 20.60
N SER A 56 36.33 18.13 20.61
CA SER A 56 37.49 17.41 21.09
CA SER A 56 37.49 17.37 21.06
C SER A 56 37.09 16.22 21.97
C SER A 56 37.09 16.20 21.97
N PHE A 57 36.15 16.44 22.88
CA PHE A 57 35.71 15.38 23.79
C PHE A 57 34.99 14.27 23.03
N VAL A 58 34.23 14.63 22.00
CA VAL A 58 33.49 13.63 21.24
C VAL A 58 34.48 12.76 20.48
N PHE A 59 35.48 13.37 19.86
CA PHE A 59 36.47 12.57 19.17
C PHE A 59 37.24 11.65 20.12
N GLU A 60 37.40 12.03 21.37
CA GLU A 60 38.06 11.15 22.33
C GLU A 60 37.14 9.95 22.57
N MET A 61 35.82 10.18 22.65
CA MET A 61 34.91 9.06 22.84
C MET A 61 34.90 8.14 21.62
N VAL A 62 35.01 8.72 20.43
CA VAL A 62 35.04 7.90 19.21
C VAL A 62 36.29 7.02 19.20
N GLU A 63 37.42 7.56 19.67
CA GLU A 63 38.65 6.78 19.74
C GLU A 63 38.43 5.58 20.67
N PHE A 64 37.69 5.77 21.76
CA PHE A 64 37.41 4.68 22.67
C PHE A 64 36.51 3.65 21.98
N LEU A 65 35.44 4.11 21.35
CA LEU A 65 34.52 3.17 20.70
C LEU A 65 35.16 2.41 19.54
N LYS A 66 36.18 2.97 18.90
CA LYS A 66 36.80 2.29 17.76
C LYS A 66 37.53 1.02 18.14
N GLN A 67 37.66 0.78 19.44
CA GLN A 67 38.31 -0.43 19.93
C GLN A 67 37.37 -1.63 19.74
N PHE A 68 36.10 -1.32 19.45
CA PHE A 68 35.08 -2.34 19.24
C PHE A 68 34.69 -2.42 17.78
N PRO A 69 34.11 -3.56 17.35
CA PRO A 69 33.70 -3.71 15.95
C PRO A 69 32.42 -2.93 15.64
N LEU A 70 32.55 -1.64 15.34
CA LEU A 70 31.37 -0.81 15.08
C LEU A 70 30.77 -0.94 13.69
N LYS A 71 29.45 -1.12 13.62
CA LYS A 71 28.79 -1.16 12.32
C LYS A 71 28.21 0.23 12.07
N ALA A 72 27.98 0.99 13.14
CA ALA A 72 27.40 2.32 13.06
C ALA A 72 27.66 3.08 14.36
N LEU A 73 27.55 4.41 14.31
CA LEU A 73 27.76 5.23 15.50
C LEU A 73 26.55 6.13 15.66
N VAL A 74 26.02 6.18 16.88
CA VAL A 74 24.89 7.07 17.19
C VAL A 74 25.40 8.13 18.16
N VAL A 75 25.22 9.40 17.78
CA VAL A 75 25.58 10.51 18.66
C VAL A 75 24.27 10.78 19.37
N ALA A 76 24.17 10.22 20.56
CA ALA A 76 22.93 10.33 21.31
C ALA A 76 22.69 11.70 21.94
N CYS A 77 23.77 12.46 22.14
CA CYS A 77 23.69 13.77 22.77
C CYS A 77 23.37 14.86 21.74
N ASN A 78 22.31 15.63 21.97
CA ASN A 78 21.94 16.66 21.00
C ASN A 78 23.02 17.75 20.93
N THR A 79 23.61 18.06 22.07
CA THR A 79 24.67 19.09 22.14
C THR A 79 25.90 18.63 21.35
N ALA A 80 26.26 17.37 21.54
CA ALA A 80 27.41 16.82 20.82
C ALA A 80 27.11 16.73 19.33
N ALA A 81 25.89 16.32 18.97
CA ALA A 81 25.55 16.24 17.55
C ALA A 81 25.62 17.62 16.88
N ALA A 82 25.11 18.64 17.57
CA ALA A 82 25.11 19.99 17.02
C ALA A 82 26.53 20.44 16.74
N ALA A 83 27.44 20.11 17.65
CA ALA A 83 28.80 20.54 17.48
C ALA A 83 29.70 19.71 16.57
N THR A 84 29.42 18.42 16.45
N THR A 84 29.42 18.40 16.55
CA THR A 84 30.34 17.57 15.71
CA THR A 84 30.31 17.45 15.88
C THR A 84 29.81 16.61 14.65
C THR A 84 29.80 16.50 14.80
N LEU A 85 28.50 16.50 14.49
CA LEU A 85 27.98 15.55 13.51
C LEU A 85 28.64 15.60 12.13
N ALA A 86 28.77 16.79 11.56
CA ALA A 86 29.37 16.93 10.24
C ALA A 86 30.79 16.40 10.20
N ALA A 87 31.57 16.77 11.21
CA ALA A 87 32.97 16.33 11.31
C ALA A 87 33.06 14.80 11.39
N LEU A 88 32.18 14.19 12.18
CA LEU A 88 32.18 12.73 12.33
C LEU A 88 31.80 12.01 11.04
N GLN A 89 30.77 12.50 10.36
CA GLN A 89 30.29 11.89 9.13
C GLN A 89 31.37 11.96 8.06
N GLU A 90 32.15 13.01 8.08
CA GLU A 90 33.23 13.16 7.10
C GLU A 90 34.42 12.28 7.47
N ALA A 91 34.72 12.18 8.77
CA ALA A 91 35.88 11.40 9.22
C ALA A 91 35.71 9.87 9.24
N LEU A 92 34.51 9.40 9.56
CA LEU A 92 34.26 7.96 9.63
C LEU A 92 33.66 7.38 8.35
N SER A 93 33.92 6.09 8.12
CA SER A 93 33.40 5.39 6.95
C SER A 93 32.08 4.68 7.28
N ILE A 94 31.82 4.45 8.56
CA ILE A 94 30.57 3.81 8.96
C ILE A 94 29.46 4.86 9.05
N PRO A 95 28.18 4.43 9.03
CA PRO A 95 27.08 5.38 9.14
C PRO A 95 27.13 6.05 10.50
N VAL A 96 26.96 7.37 10.53
CA VAL A 96 26.93 8.10 11.80
C VAL A 96 25.54 8.74 11.84
N ILE A 97 24.75 8.37 12.85
CA ILE A 97 23.40 8.87 13.02
C ILE A 97 23.35 9.79 14.24
N GLY A 98 22.96 11.04 14.03
CA GLY A 98 22.85 11.98 15.14
C GLY A 98 21.39 12.07 15.55
N VAL A 99 21.11 12.70 16.68
CA VAL A 99 19.74 12.78 17.18
C VAL A 99 18.94 13.97 16.71
N ILE A 100 19.58 14.90 16.03
CA ILE A 100 18.89 16.12 15.56
C ILE A 100 18.06 15.90 14.29
N HIS A 101 18.68 15.37 13.23
CA HIS A 101 17.94 15.19 11.99
C HIS A 101 16.73 14.27 12.09
N PRO A 102 16.82 13.19 12.87
CA PRO A 102 15.64 12.31 12.98
C PRO A 102 14.46 13.06 13.61
N GLY A 103 14.76 13.91 14.59
CA GLY A 103 13.73 14.70 15.26
C GLY A 103 13.11 15.71 14.28
N ALA A 104 13.95 16.40 13.51
CA ALA A 104 13.41 17.36 12.53
C ALA A 104 12.52 16.65 11.50
N ARG A 105 12.97 15.48 11.03
CA ARG A 105 12.20 14.74 10.04
C ARG A 105 10.84 14.33 10.58
N ALA A 106 10.79 13.87 11.83
CA ALA A 106 9.54 13.45 12.44
C ALA A 106 8.64 14.68 12.63
N ALA A 107 9.24 15.83 12.93
CA ALA A 107 8.45 17.05 13.12
C ALA A 107 7.74 17.43 11.80
N ILE A 108 8.43 17.27 10.69
CA ILE A 108 7.81 17.55 9.39
C ILE A 108 6.65 16.59 9.14
N LYS A 109 6.80 15.34 9.57
CA LYS A 109 5.73 14.36 9.38
C LYS A 109 4.48 14.70 10.20
N VAL A 110 4.66 15.18 11.42
CA VAL A 110 3.49 15.41 12.25
C VAL A 110 2.87 16.79 12.22
N THR A 111 3.62 17.80 11.79
CA THR A 111 3.06 19.13 11.78
C THR A 111 1.97 19.28 10.74
N LYS A 112 0.94 20.04 11.10
CA LYS A 112 -0.14 20.30 10.16
C LYS A 112 -0.02 21.76 9.68
N LYS A 113 0.46 22.62 10.58
N LYS A 113 0.47 22.66 10.52
CA LYS A 113 0.62 24.07 10.32
CA LYS A 113 0.57 24.03 10.06
C LYS A 113 1.99 24.52 9.85
C LYS A 113 1.98 24.49 9.69
N GLY A 114 2.97 23.63 9.90
CA GLY A 114 4.31 23.99 9.53
C GLY A 114 4.99 24.96 10.49
N LYS A 115 4.62 24.90 11.78
N LYS A 115 4.61 24.87 11.76
CA LYS A 115 5.17 25.78 12.81
CA LYS A 115 5.15 25.73 12.81
C LYS A 115 5.67 24.87 13.92
C LYS A 115 5.66 24.77 13.86
N ILE A 116 6.98 24.77 14.02
CA ILE A 116 7.66 23.86 14.93
C ILE A 116 8.49 24.52 15.98
N GLY A 117 8.39 24.02 17.21
CA GLY A 117 9.24 24.57 18.24
C GLY A 117 10.28 23.52 18.61
N VAL A 118 11.39 23.96 19.18
N VAL A 118 11.41 23.99 19.12
CA VAL A 118 12.37 23.00 19.65
CA VAL A 118 12.53 23.12 19.53
C VAL A 118 13.02 23.62 20.86
C VAL A 118 13.18 23.64 20.81
N ILE A 119 13.38 22.77 21.81
CA ILE A 119 14.04 23.19 23.03
C ILE A 119 15.27 22.33 23.23
N GLY A 120 16.30 22.88 23.89
CA GLY A 120 17.50 22.12 24.12
C GLY A 120 18.48 22.97 24.89
N THR A 121 19.72 22.51 24.96
CA THR A 121 20.74 23.27 25.68
C THR A 121 21.15 24.51 24.88
N VAL A 122 21.86 25.41 25.55
CA VAL A 122 22.34 26.61 24.88
C VAL A 122 23.20 26.22 23.68
N GLY A 123 24.07 25.24 23.84
CA GLY A 123 24.89 24.85 22.71
C GLY A 123 24.07 24.33 21.54
N THR A 124 23.07 23.51 21.82
CA THR A 124 22.24 22.98 20.76
C THR A 124 21.50 24.06 20.01
N ILE A 125 20.89 24.96 20.77
CA ILE A 125 20.11 26.04 20.18
C ILE A 125 20.98 27.06 19.44
N GLN A 126 22.12 27.44 20.04
CA GLN A 126 22.99 28.40 19.39
C GLN A 126 23.57 27.92 18.07
N SER A 127 23.68 26.60 17.89
CA SER A 127 24.21 26.08 16.65
C SER A 127 23.26 26.30 15.48
N ASN A 128 21.98 26.48 15.83
CA ASN A 128 20.87 26.63 14.91
C ASN A 128 20.74 25.42 13.98
N MET A 129 21.31 24.28 14.38
N MET A 129 21.30 24.29 14.40
CA MET A 129 21.23 23.09 13.52
CA MET A 129 21.23 23.09 13.55
C MET A 129 19.80 22.62 13.29
C MET A 129 19.81 22.63 13.29
N TYR A 130 18.90 22.83 14.25
CA TYR A 130 17.51 22.39 14.04
C TYR A 130 16.84 23.20 12.93
N GLU A 131 16.98 24.52 12.97
CA GLU A 131 16.38 25.31 11.92
C GLU A 131 17.01 24.96 10.58
N LYS A 132 18.33 24.80 10.54
CA LYS A 132 19.00 24.46 9.29
C LYS A 132 18.51 23.12 8.75
N ALA A 133 18.42 22.12 9.62
CA ALA A 133 17.94 20.81 9.19
C ALA A 133 16.50 20.86 8.68
N LEU A 134 15.64 21.57 9.40
CA LEU A 134 14.26 21.66 8.99
C LEU A 134 14.12 22.36 7.66
N HIS A 135 14.83 23.47 7.49
CA HIS A 135 14.74 24.21 6.23
C HIS A 135 15.35 23.51 5.06
N GLU A 136 16.29 22.59 5.33
CA GLU A 136 16.89 21.84 4.23
C GLU A 136 15.81 20.97 3.60
N LEU A 137 14.91 20.46 4.43
CA LEU A 137 13.82 19.64 3.92
C LEU A 137 12.63 20.48 3.40
N ASP A 138 12.32 21.56 4.10
CA ASP A 138 11.18 22.41 3.71
C ASP A 138 11.51 23.85 4.14
N THR A 139 11.79 24.68 3.14
CA THR A 139 12.12 26.07 3.39
C THR A 139 11.00 26.88 4.02
N TYR A 140 9.74 26.48 3.77
CA TYR A 140 8.58 27.22 4.25
C TYR A 140 8.00 26.75 5.58
N LEU A 141 8.90 26.52 6.53
CA LEU A 141 8.50 26.12 7.87
C LEU A 141 8.95 27.27 8.76
N LYS A 142 8.20 27.50 9.83
CA LYS A 142 8.56 28.52 10.80
C LYS A 142 9.05 27.71 12.02
N VAL A 143 10.27 28.01 12.46
CA VAL A 143 10.90 27.30 13.56
C VAL A 143 11.19 28.26 14.70
N HIS A 144 10.75 27.88 15.90
CA HIS A 144 11.00 28.70 17.10
C HIS A 144 11.93 27.87 17.96
N SER A 145 13.14 28.35 18.17
CA SER A 145 14.15 27.61 18.93
C SER A 145 14.48 28.32 20.23
N HIS A 146 14.33 27.60 21.34
CA HIS A 146 14.57 28.18 22.66
C HIS A 146 15.41 27.31 23.58
N ALA A 147 16.45 27.90 24.16
CA ALA A 147 17.29 27.18 25.11
C ALA A 147 16.60 27.09 26.46
N CYS A 148 16.73 25.92 27.10
CA CYS A 148 16.12 25.66 28.42
C CYS A 148 17.26 25.09 29.24
N PRO A 149 18.25 25.94 29.57
N PRO A 149 18.26 25.92 29.55
CA PRO A 149 19.45 25.59 30.33
CA PRO A 149 19.44 25.53 30.33
C PRO A 149 19.32 24.85 31.66
C PRO A 149 19.24 24.72 31.61
N THR A 150 18.22 25.04 32.38
CA THR A 150 18.06 24.37 33.67
C THR A 150 17.43 23.00 33.64
N LEU A 151 16.78 22.63 32.55
CA LEU A 151 16.04 21.39 32.56
C LEU A 151 16.83 20.10 32.70
N ALA A 152 17.98 19.98 32.06
CA ALA A 152 18.72 18.72 32.21
C ALA A 152 19.17 18.51 33.66
N THR A 153 19.65 19.57 34.31
CA THR A 153 20.07 19.43 35.71
C THR A 153 18.87 19.08 36.58
N VAL A 154 17.70 19.66 36.29
CA VAL A 154 16.47 19.35 37.04
C VAL A 154 16.17 17.86 36.95
N VAL A 155 16.29 17.32 35.75
CA VAL A 155 16.03 15.91 35.52
C VAL A 155 17.01 15.03 36.30
N GLU A 156 18.29 15.41 36.33
CA GLU A 156 19.27 14.57 37.03
C GLU A 156 19.31 14.71 38.54
N ASN A 157 18.99 15.90 39.02
CA ASN A 157 19.10 16.19 40.46
C ASN A 157 17.89 16.60 41.27
N ARG A 158 16.77 16.94 40.63
CA ARG A 158 15.62 17.43 41.37
C ARG A 158 14.31 16.80 40.92
N LEU A 159 14.38 15.69 40.19
CA LEU A 159 13.18 15.09 39.64
C LEU A 159 12.08 14.67 40.61
N GLU A 160 12.46 14.35 41.85
CA GLU A 160 11.48 13.92 42.84
C GLU A 160 10.73 15.09 43.46
N ASP A 161 11.26 16.30 43.30
CA ASP A 161 10.64 17.50 43.84
C ASP A 161 9.70 18.05 42.77
N THR A 162 8.50 17.46 42.70
CA THR A 162 7.53 17.81 41.68
C THR A 162 7.09 19.28 41.59
N ALA A 163 7.00 19.96 42.73
CA ALA A 163 6.61 21.36 42.70
C ALA A 163 7.72 22.15 41.99
N TYR A 164 8.96 21.79 42.28
CA TYR A 164 10.10 22.48 41.68
C TYR A 164 10.17 22.19 40.20
N VAL A 165 9.94 20.94 39.84
CA VAL A 165 9.99 20.57 38.41
C VAL A 165 8.91 21.33 37.65
N THR A 166 7.69 21.37 38.20
CA THR A 166 6.62 22.09 37.54
C THR A 166 6.98 23.55 37.34
N GLN A 167 7.53 24.20 38.37
CA GLN A 167 7.90 25.60 38.25
C GLN A 167 8.99 25.84 37.21
N GLN A 168 9.97 24.93 37.15
CA GLN A 168 11.09 25.08 36.21
C GLN A 168 10.63 24.81 34.77
N VAL A 169 9.71 23.87 34.59
CA VAL A 169 9.19 23.60 33.25
C VAL A 169 8.34 24.80 32.81
N LYS A 170 7.57 25.37 33.74
CA LYS A 170 6.75 26.53 33.41
C LYS A 170 7.62 27.70 32.94
N GLN A 171 8.67 27.98 33.68
CA GLN A 171 9.56 29.08 33.34
C GLN A 171 10.30 28.84 32.01
N ALA A 172 10.73 27.61 31.80
CA ALA A 172 11.48 27.28 30.60
C ALA A 172 10.63 27.37 29.35
N LEU A 173 9.35 27.00 29.45
CA LEU A 173 8.47 26.98 28.29
C LEU A 173 7.66 28.24 28.06
N LEU A 174 7.75 29.20 28.99
N LEU A 174 7.74 29.20 28.98
CA LEU A 174 7.01 30.46 28.85
CA LEU A 174 6.97 30.43 28.82
C LEU A 174 7.14 31.07 27.46
C LEU A 174 7.13 31.06 27.44
N PRO A 175 8.37 31.21 26.95
CA PRO A 175 8.49 31.81 25.62
C PRO A 175 7.77 31.03 24.50
N LEU A 176 7.67 29.71 24.62
CA LEU A 176 7.00 28.94 23.58
C LEU A 176 5.49 28.98 23.72
N THR A 177 4.97 29.25 24.92
CA THR A 177 3.54 29.31 25.10
C THR A 177 3.02 30.55 24.34
N LYS A 178 3.92 31.49 24.07
CA LYS A 178 3.57 32.74 23.37
C LYS A 178 3.57 32.56 21.88
N GLU A 179 4.17 31.46 21.42
CA GLU A 179 4.30 31.22 19.99
C GLU A 179 3.26 30.25 19.46
N ASP A 180 2.99 30.39 18.17
CA ASP A 180 2.06 29.52 17.49
C ASP A 180 2.86 28.33 16.92
N ILE A 181 2.76 27.20 17.61
CA ILE A 181 3.41 25.96 17.14
C ILE A 181 2.41 24.85 17.34
N ASP A 182 2.55 23.78 16.56
CA ASP A 182 1.70 22.62 16.76
C ASP A 182 2.55 21.36 16.98
N THR A 183 3.87 21.56 17.04
CA THR A 183 4.84 20.47 17.21
C THR A 183 6.03 20.98 18.03
N LEU A 184 6.54 20.16 18.96
CA LEU A 184 7.68 20.56 19.77
C LEU A 184 8.70 19.41 19.78
N ILE A 185 9.93 19.70 19.36
CA ILE A 185 10.98 18.69 19.39
C ILE A 185 11.71 18.79 20.72
N LEU A 186 11.80 17.66 21.43
CA LEU A 186 12.56 17.63 22.68
C LEU A 186 14.02 17.41 22.26
N GLY A 187 14.72 18.52 22.02
CA GLY A 187 16.09 18.48 21.53
C GLY A 187 17.19 18.32 22.56
N CYS A 188 16.96 17.42 23.51
CA CYS A 188 17.90 17.14 24.59
C CYS A 188 17.60 15.73 25.12
N THR A 189 18.66 14.99 25.43
CA THR A 189 18.52 13.62 25.94
C THR A 189 17.65 13.48 27.16
N HIS A 190 17.63 14.50 28.02
CA HIS A 190 16.91 14.41 29.27
C HIS A 190 15.43 14.72 29.24
N TYR A 191 14.97 15.43 28.21
CA TYR A 191 13.60 15.87 28.20
C TYR A 191 12.49 14.85 28.18
N PRO A 192 12.73 13.63 27.67
CA PRO A 192 11.64 12.65 27.69
C PRO A 192 11.14 12.42 29.13
N LEU A 193 12.04 12.60 30.09
N LEU A 193 12.01 12.56 30.12
CA LEU A 193 11.76 12.46 31.52
CA LEU A 193 11.54 12.33 31.49
C LEU A 193 10.84 13.53 32.06
C LEU A 193 10.57 13.41 31.95
N LEU A 194 10.54 14.54 31.24
CA LEU A 194 9.66 15.65 31.62
C LEU A 194 8.45 15.74 30.73
N GLU A 195 8.26 14.73 29.89
CA GLU A 195 7.17 14.76 28.91
C GLU A 195 5.82 15.15 29.48
N SER A 196 5.45 14.58 30.63
CA SER A 196 4.15 14.90 31.22
C SER A 196 4.02 16.36 31.63
N TYR A 197 5.06 16.92 32.22
CA TYR A 197 5.06 18.30 32.64
C TYR A 197 4.94 19.21 31.42
N ILE A 198 5.67 18.85 30.38
CA ILE A 198 5.67 19.65 29.17
C ILE A 198 4.33 19.63 28.47
N LYS A 199 3.72 18.46 28.40
CA LYS A 199 2.40 18.32 27.79
C LYS A 199 1.39 19.18 28.55
N LYS A 200 1.50 19.18 29.87
CA LYS A 200 0.57 19.96 30.66
C LYS A 200 0.74 21.45 30.41
N GLU A 201 1.99 21.90 30.24
CA GLU A 201 2.27 23.32 29.97
C GLU A 201 1.82 23.79 28.59
N LEU A 202 2.08 22.99 27.57
CA LEU A 202 1.73 23.40 26.21
C LEU A 202 0.31 23.06 25.73
N GLY A 203 -0.30 22.06 26.31
CA GLY A 203 -1.66 21.68 25.90
C GLY A 203 -1.72 20.56 24.89
N GLU A 204 -2.92 20.04 24.64
CA GLU A 204 -3.10 18.93 23.71
C GLU A 204 -2.94 19.27 22.22
N ASP A 205 -2.81 20.54 21.90
CA ASP A 205 -2.67 20.93 20.50
C ASP A 205 -1.23 20.89 19.99
N VAL A 206 -0.30 20.52 20.87
CA VAL A 206 1.10 20.47 20.47
C VAL A 206 1.62 19.04 20.57
N THR A 207 2.03 18.47 19.44
CA THR A 207 2.57 17.12 19.42
C THR A 207 4.05 17.14 19.84
N ILE A 208 4.38 16.39 20.88
N ILE A 208 4.38 16.29 20.81
CA ILE A 208 5.74 16.36 21.41
CA ILE A 208 5.74 16.19 21.34
C ILE A 208 6.55 15.20 20.86
C ILE A 208 6.53 15.15 20.53
N ILE A 209 7.67 15.54 20.24
N ILE A 209 7.77 15.48 20.21
CA ILE A 209 8.54 14.56 19.63
CA ILE A 209 8.65 14.60 19.44
C ILE A 209 9.75 14.24 20.49
C ILE A 209 9.89 14.24 20.29
N SER A 210 10.05 12.96 20.60
CA SER A 210 11.20 12.48 21.38
C SER A 210 12.38 12.23 20.46
N SER A 211 13.55 12.77 20.78
CA SER A 211 14.72 12.53 19.94
C SER A 211 15.05 11.05 19.96
N ALA A 212 14.85 10.41 21.10
CA ALA A 212 15.20 8.99 21.23
C ALA A 212 14.38 8.09 20.35
N GLU A 213 13.07 8.27 20.39
CA GLU A 213 12.17 7.43 19.59
C GLU A 213 12.44 7.59 18.11
N GLU A 214 12.66 8.82 17.66
CA GLU A 214 12.88 9.02 16.24
C GLU A 214 14.26 8.60 15.77
N THR A 215 15.26 8.68 16.64
CA THR A 215 16.61 8.32 16.23
C THR A 215 16.70 6.80 16.05
N ALA A 216 15.97 6.08 16.88
CA ALA A 216 16.02 4.62 16.76
C ALA A 216 15.40 4.17 15.45
N ILE A 217 14.29 4.78 15.04
CA ILE A 217 13.69 4.35 13.79
C ILE A 217 14.56 4.82 12.63
N GLU A 218 15.24 5.95 12.77
CA GLU A 218 16.13 6.40 11.69
C GLU A 218 17.28 5.41 11.53
N LEU A 219 17.84 4.99 12.66
CA LEU A 219 18.92 3.99 12.63
C LEU A 219 18.42 2.68 11.98
N SER A 220 17.24 2.23 12.39
CA SER A 220 16.65 1.03 11.82
C SER A 220 16.56 1.15 10.29
N THR A 221 16.05 2.29 9.81
CA THR A 221 15.89 2.51 8.40
C THR A 221 17.21 2.40 7.65
N ILE A 222 18.24 3.03 8.21
CA ILE A 222 19.55 3.03 7.56
C ILE A 222 20.22 1.68 7.61
N LEU A 223 20.14 0.98 8.74
CA LEU A 223 20.78 -0.34 8.80
C LEU A 223 20.11 -1.27 7.80
N GLN A 224 18.79 -1.19 7.65
CA GLN A 224 18.15 -2.11 6.72
C GLN A 224 18.43 -1.71 5.28
N HIS A 225 18.50 -0.41 5.01
CA HIS A 225 18.79 0.07 3.65
C HIS A 225 20.16 -0.43 3.22
N LYS A 226 21.11 -0.45 4.15
CA LYS A 226 22.47 -0.89 3.87
C LYS A 226 22.65 -2.41 3.96
N GLY A 227 21.59 -3.12 4.32
CA GLY A 227 21.65 -4.57 4.42
C GLY A 227 22.52 -5.09 5.55
N ILE A 228 22.59 -4.35 6.65
CA ILE A 228 23.43 -4.77 7.76
C ILE A 228 22.74 -4.98 9.12
N LEU A 229 21.48 -5.39 9.09
CA LEU A 229 20.77 -5.66 10.33
C LEU A 229 21.33 -6.92 10.99
N ALA A 230 21.39 -6.92 12.31
CA ALA A 230 21.85 -8.08 13.07
C ALA A 230 20.70 -9.09 13.12
N ASP A 231 21.03 -10.36 13.38
CA ASP A 231 19.97 -11.38 13.50
C ASP A 231 20.03 -12.07 14.87
N ASN A 232 20.79 -11.48 15.79
CA ASN A 232 20.97 -11.99 17.16
C ASN A 232 19.67 -11.99 18.00
N LEU A 233 19.23 -13.18 18.42
N LEU A 233 19.20 -13.16 18.43
CA LEU A 233 18.00 -13.30 19.20
CA LEU A 233 17.96 -13.15 19.21
C LEU A 233 18.09 -12.94 20.69
C LEU A 233 18.12 -12.64 20.64
N ASN A 234 19.32 -12.77 21.18
CA ASN A 234 19.54 -12.37 22.57
C ASN A 234 20.89 -11.67 22.78
N PRO A 235 20.98 -10.42 22.33
CA PRO A 235 22.24 -9.68 22.48
C PRO A 235 22.41 -9.18 23.90
N LYS A 236 23.63 -8.72 24.20
CA LYS A 236 23.94 -8.12 25.48
C LYS A 236 24.56 -6.76 25.15
N HIS A 237 24.38 -5.81 26.06
CA HIS A 237 24.85 -4.44 25.88
C HIS A 237 25.84 -4.10 26.95
N ARG A 238 26.75 -3.19 26.64
CA ARG A 238 27.73 -2.77 27.62
C ARG A 238 27.73 -1.26 27.69
N PHE A 239 27.89 -0.75 28.90
CA PHE A 239 27.91 0.69 29.13
C PHE A 239 29.20 1.10 29.81
N PHE A 240 29.75 2.24 29.41
CA PHE A 240 30.97 2.75 29.98
C PHE A 240 30.79 4.20 30.38
N THR A 241 31.46 4.61 31.46
CA THR A 241 31.33 6.00 31.91
C THR A 241 32.67 6.51 32.39
N THR A 242 32.88 7.81 32.22
CA THR A 242 34.12 8.42 32.69
C THR A 242 33.95 8.93 34.12
N GLY A 243 32.73 8.87 34.64
CA GLY A 243 32.46 9.32 35.98
C GLY A 243 32.35 8.15 36.92
N SER A 244 31.69 8.38 38.03
CA SER A 244 31.46 7.36 39.03
C SER A 244 30.63 6.22 38.46
N VAL A 245 31.15 5.00 38.59
CA VAL A 245 30.45 3.83 38.12
C VAL A 245 29.21 3.58 38.97
N SER A 246 29.35 3.66 40.29
CA SER A 246 28.18 3.42 41.15
C SER A 246 27.08 4.45 40.91
N SER A 247 27.46 5.69 40.65
CA SER A 247 26.49 6.74 40.39
C SER A 247 25.73 6.46 39.07
N PHE A 248 26.46 6.04 38.05
CA PHE A 248 25.84 5.75 36.75
C PHE A 248 24.85 4.59 36.92
N GLU A 249 25.30 3.53 37.58
CA GLU A 249 24.48 2.34 37.81
C GLU A 249 23.17 2.68 38.53
N HIS A 250 23.24 3.59 39.50
CA HIS A 250 22.06 3.99 40.27
C HIS A 250 21.02 4.73 39.44
N ILE A 251 21.46 5.75 38.68
CA ILE A 251 20.52 6.50 37.84
C ILE A 251 19.94 5.58 36.77
N ALA A 252 20.80 4.79 36.15
CA ALA A 252 20.39 3.87 35.11
C ALA A 252 19.30 2.95 35.62
N GLU A 253 19.47 2.42 36.83
CA GLU A 253 18.47 1.53 37.40
C GLU A 253 17.16 2.27 37.58
N ARG A 254 17.22 3.54 38.00
CA ARG A 254 16.00 4.31 38.18
C ARG A 254 15.32 4.62 36.84
N TRP A 255 16.10 5.00 35.83
CA TRP A 255 15.50 5.34 34.54
C TRP A 255 15.00 4.15 33.73
N LEU A 256 15.82 3.09 33.68
CA LEU A 256 15.46 1.91 32.91
C LEU A 256 14.56 0.92 33.61
N GLY A 257 14.64 0.86 34.94
CA GLY A 257 13.82 -0.09 35.67
C GLY A 257 14.53 -1.42 35.88
N TYR A 258 15.82 -1.46 35.60
CA TYR A 258 16.60 -2.67 35.78
C TYR A 258 18.10 -2.35 35.77
N GLN A 259 18.92 -3.28 36.23
CA GLN A 259 20.36 -3.03 36.29
C GLN A 259 21.06 -3.35 34.98
N ILE A 260 22.16 -2.63 34.72
CA ILE A 260 22.93 -2.83 33.50
C ILE A 260 24.43 -3.01 33.79
N SER A 261 25.17 -3.45 32.77
N SER A 261 25.17 -3.46 32.78
CA SER A 261 26.60 -3.64 32.91
CA SER A 261 26.61 -3.64 32.94
C SER A 261 27.30 -2.29 32.72
C SER A 261 27.31 -2.31 32.71
N VAL A 262 27.97 -1.82 33.76
CA VAL A 262 28.69 -0.54 33.69
C VAL A 262 30.16 -0.66 34.09
N ASP A 263 31.05 -0.09 33.29
CA ASP A 263 32.46 -0.11 33.59
C ASP A 263 33.04 1.30 33.45
N CYS A 264 34.15 1.56 34.16
N CYS A 264 34.16 1.54 34.12
CA CYS A 264 34.79 2.88 34.11
CA CYS A 264 34.83 2.82 34.09
C CYS A 264 35.81 2.95 32.98
C CYS A 264 35.72 2.92 32.86
N VAL A 265 36.02 4.15 32.45
CA VAL A 265 36.92 4.34 31.33
C VAL A 265 37.60 5.67 31.50
N ASP A 266 38.84 5.78 31.01
CA ASP A 266 39.57 7.02 31.07
C ASP A 266 39.78 7.59 29.67
N LEU A 267 39.50 8.87 29.50
CA LEU A 267 39.71 9.53 28.22
C LEU A 267 40.75 10.62 28.48
N PRO A 268 41.66 10.86 27.52
CA PRO A 268 41.77 10.20 26.22
C PRO A 268 42.38 8.81 26.40
N VAL A 269 42.07 7.91 25.46
CA VAL A 269 42.60 6.55 25.51
C VAL A 269 44.10 6.60 25.25
N HIS B 5 22.24 15.21 -9.90
CA HIS B 5 20.91 14.90 -9.32
C HIS B 5 19.99 16.10 -9.14
N LYS B 6 20.45 17.32 -9.41
CA LYS B 6 19.57 18.47 -9.20
C LYS B 6 18.28 18.49 -10.03
N HIS B 7 18.24 17.78 -11.15
CA HIS B 7 17.02 17.72 -11.95
C HIS B 7 16.37 16.35 -11.89
N SER B 8 16.92 15.46 -11.07
N SER B 8 16.91 15.47 -11.05
CA SER B 8 16.34 14.12 -10.97
CA SER B 8 16.37 14.12 -10.93
C SER B 8 15.02 14.10 -10.22
C SER B 8 15.05 14.05 -10.17
N VAL B 9 14.19 13.13 -10.57
CA VAL B 9 12.87 12.98 -9.97
C VAL B 9 12.68 11.69 -9.19
N ILE B 10 11.60 11.66 -8.41
CA ILE B 10 11.25 10.47 -7.67
C ILE B 10 10.22 9.73 -8.53
N GLY B 11 10.53 8.52 -8.97
CA GLY B 11 9.56 7.76 -9.76
C GLY B 11 8.61 7.09 -8.76
N VAL B 12 7.31 7.11 -9.04
CA VAL B 12 6.33 6.45 -8.14
C VAL B 12 5.44 5.57 -9.02
N LEU B 13 5.32 4.29 -8.67
CA LEU B 13 4.44 3.42 -9.46
C LEU B 13 3.38 2.78 -8.57
N ASP B 14 2.22 2.54 -9.17
CA ASP B 14 1.09 1.98 -8.45
C ASP B 14 0.21 1.28 -9.45
N SER B 15 -0.72 0.47 -8.96
CA SER B 15 -1.65 -0.21 -9.84
C SER B 15 -2.71 0.74 -10.40
N GLY B 16 -2.88 1.93 -9.81
CA GLY B 16 -3.90 2.86 -10.28
C GLY B 16 -3.90 4.22 -9.61
N VAL B 17 -5.02 4.59 -9.01
N VAL B 17 -5.03 4.59 -9.00
CA VAL B 17 -5.16 5.88 -8.33
CA VAL B 17 -5.18 5.87 -8.34
C VAL B 17 -4.81 5.80 -6.84
C VAL B 17 -4.91 5.81 -6.82
N GLY B 18 -4.94 4.61 -6.25
CA GLY B 18 -4.67 4.48 -4.82
C GLY B 18 -3.37 5.10 -4.36
N GLY B 19 -2.33 4.89 -5.17
CA GLY B 19 -1.01 5.42 -4.90
C GLY B 19 -0.97 6.93 -4.68
N LEU B 20 -2.06 7.64 -4.98
CA LEU B 20 -2.06 9.07 -4.74
C LEU B 20 -1.95 9.36 -3.25
N THR B 21 -2.32 8.39 -2.39
CA THR B 21 -2.16 8.64 -0.96
C THR B 21 -0.66 8.75 -0.64
N VAL B 22 0.15 7.91 -1.30
CA VAL B 22 1.60 7.92 -1.12
C VAL B 22 2.20 9.18 -1.75
N ALA B 23 1.76 9.49 -2.95
CA ALA B 23 2.25 10.68 -3.62
C ALA B 23 1.98 11.93 -2.78
N SER B 24 0.79 12.04 -2.19
N SER B 24 0.79 12.02 -2.21
CA SER B 24 0.47 13.21 -1.40
CA SER B 24 0.41 13.16 -1.40
C SER B 24 1.38 13.34 -0.21
C SER B 24 1.33 13.33 -0.20
N GLU B 25 1.73 12.22 0.42
CA GLU B 25 2.62 12.30 1.57
C GLU B 25 4.05 12.68 1.17
N ILE B 26 4.51 12.22 0.01
CA ILE B 26 5.85 12.61 -0.46
C ILE B 26 5.84 14.12 -0.76
N ILE B 27 4.77 14.58 -1.41
CA ILE B 27 4.66 16.02 -1.72
C ILE B 27 4.65 16.87 -0.44
N ARG B 28 3.99 16.37 0.61
CA ARG B 28 3.92 17.09 1.87
C ARG B 28 5.21 17.08 2.68
N GLN B 29 5.83 15.91 2.84
CA GLN B 29 7.03 15.78 3.66
C GLN B 29 8.35 16.06 2.94
N LEU B 30 8.35 16.02 1.61
CA LEU B 30 9.55 16.30 0.80
C LEU B 30 9.10 17.29 -0.27
N PRO B 31 8.70 18.48 0.15
CA PRO B 31 8.23 19.50 -0.78
C PRO B 31 9.18 20.02 -1.82
N LYS B 32 10.46 19.69 -1.74
CA LYS B 32 11.39 20.14 -2.79
C LYS B 32 11.64 19.08 -3.86
N GLU B 33 11.11 17.87 -3.67
CA GLU B 33 11.29 16.80 -4.64
C GLU B 33 10.22 16.85 -5.74
N SER B 34 10.56 16.30 -6.90
N SER B 34 10.55 16.32 -6.91
CA SER B 34 9.66 16.26 -8.05
CA SER B 34 9.62 16.28 -8.05
C SER B 34 9.14 14.85 -8.31
C SER B 34 9.25 14.81 -8.27
N ILE B 35 7.83 14.71 -8.37
N ILE B 35 7.95 14.56 -8.42
CA ILE B 35 7.19 13.42 -8.57
CA ILE B 35 7.48 13.20 -8.63
C ILE B 35 6.83 13.09 -10.03
C ILE B 35 7.04 12.95 -10.07
N CYS B 36 7.14 11.87 -10.43
N CYS B 36 7.25 11.72 -10.52
CA CYS B 36 6.79 11.36 -11.76
CA CYS B 36 6.81 11.28 -11.85
C CYS B 36 6.08 10.06 -11.40
C CYS B 36 6.07 9.99 -11.49
N TYR B 37 4.76 10.07 -11.52
CA TYR B 37 3.90 8.96 -11.13
C TYR B 37 3.23 8.21 -12.26
N ILE B 38 3.18 6.89 -12.14
N ILE B 38 3.18 6.88 -12.16
CA ILE B 38 2.50 6.07 -13.15
CA ILE B 38 2.44 6.14 -13.18
C ILE B 38 1.53 5.12 -12.42
C ILE B 38 1.54 5.14 -12.45
N GLY B 39 0.27 5.15 -12.83
CA GLY B 39 -0.74 4.26 -12.25
C GLY B 39 -1.28 3.40 -13.37
N ASP B 40 -1.25 2.07 -13.17
CA ASP B 40 -1.70 1.14 -14.23
C ASP B 40 -3.19 0.85 -14.13
N ASN B 41 -4.01 1.91 -14.17
CA ASN B 41 -5.44 1.73 -14.02
C ASN B 41 -6.09 0.72 -14.97
N GLU B 42 -5.57 0.61 -16.18
CA GLU B 42 -6.15 -0.35 -17.12
C GLU B 42 -6.10 -1.79 -16.61
N ARG B 43 -5.15 -2.12 -15.74
CA ARG B 43 -5.01 -3.48 -15.23
C ARG B 43 -5.25 -3.60 -13.71
N CYS B 44 -5.78 -2.53 -13.12
CA CYS B 44 -6.12 -2.51 -11.70
C CYS B 44 -7.43 -3.31 -11.60
N PRO B 45 -7.61 -4.12 -10.54
CA PRO B 45 -6.73 -4.39 -9.40
C PRO B 45 -5.65 -5.45 -9.57
N TYR B 46 -4.56 -5.25 -8.83
CA TYR B 46 -3.46 -6.20 -8.79
C TYR B 46 -3.69 -7.21 -7.65
N GLY B 47 -4.52 -6.80 -6.69
CA GLY B 47 -4.74 -7.64 -5.52
C GLY B 47 -5.02 -9.11 -5.76
N PRO B 48 -5.93 -9.43 -6.70
N PRO B 48 -5.92 -9.45 -6.69
CA PRO B 48 -6.32 -10.80 -7.02
CA PRO B 48 -6.19 -10.87 -6.89
C PRO B 48 -5.48 -11.49 -8.11
C PRO B 48 -5.34 -11.55 -7.96
N ARG B 49 -4.48 -10.77 -8.63
CA ARG B 49 -3.64 -11.31 -9.68
C ARG B 49 -2.48 -12.18 -9.20
N SER B 50 -1.97 -13.04 -10.08
CA SER B 50 -0.84 -13.91 -9.71
C SER B 50 0.41 -13.06 -9.50
N VAL B 51 1.32 -13.58 -8.71
CA VAL B 51 2.58 -12.87 -8.44
C VAL B 51 3.37 -12.66 -9.73
N GLU B 52 3.45 -13.69 -10.56
CA GLU B 52 4.19 -13.60 -11.82
C GLU B 52 3.65 -12.48 -12.70
N GLU B 53 2.34 -12.38 -12.78
CA GLU B 53 1.72 -11.35 -13.59
C GLU B 53 2.02 -9.96 -13.03
N VAL B 54 1.83 -9.80 -11.73
CA VAL B 54 2.09 -8.50 -11.13
C VAL B 54 3.53 -8.09 -11.37
N GLN B 55 4.47 -9.01 -11.20
CA GLN B 55 5.87 -8.65 -11.41
C GLN B 55 6.10 -8.17 -12.84
N SER B 56 5.48 -8.82 -13.82
N SER B 56 5.46 -8.84 -13.80
CA SER B 56 5.67 -8.40 -15.21
CA SER B 56 5.60 -8.45 -15.20
C SER B 56 5.10 -7.00 -15.44
C SER B 56 5.10 -7.03 -15.43
N PHE B 57 3.93 -6.72 -14.87
CA PHE B 57 3.33 -5.39 -15.03
C PHE B 57 4.17 -4.29 -14.37
N VAL B 58 4.73 -4.60 -13.20
CA VAL B 58 5.55 -3.63 -12.47
C VAL B 58 6.81 -3.33 -13.29
N PHE B 59 7.42 -4.36 -13.86
CA PHE B 59 8.61 -4.10 -14.65
C PHE B 59 8.30 -3.29 -15.90
N GLU B 60 7.08 -3.41 -16.44
CA GLU B 60 6.68 -2.61 -17.58
C GLU B 60 6.57 -1.14 -17.12
N MET B 61 6.07 -0.89 -15.92
CA MET B 61 5.99 0.48 -15.43
C MET B 61 7.38 1.04 -15.18
N VAL B 62 8.30 0.20 -14.70
CA VAL B 62 9.66 0.66 -14.45
C VAL B 62 10.31 1.08 -15.77
N GLU B 63 10.04 0.34 -16.84
CA GLU B 63 10.61 0.68 -18.15
C GLU B 63 10.11 2.04 -18.58
N PHE B 64 8.86 2.35 -18.28
CA PHE B 64 8.30 3.65 -18.60
C PHE B 64 9.01 4.73 -17.79
N LEU B 65 9.16 4.51 -16.49
CA LEU B 65 9.78 5.51 -15.63
C LEU B 65 11.25 5.76 -15.93
N LYS B 66 11.91 4.75 -16.52
CA LYS B 66 13.33 4.87 -16.84
C LYS B 66 13.60 5.92 -17.92
N GLN B 67 12.54 6.40 -18.57
CA GLN B 67 12.68 7.41 -19.60
C GLN B 67 12.97 8.76 -18.94
N PHE B 68 12.75 8.83 -17.63
CA PHE B 68 12.97 10.05 -16.85
C PHE B 68 14.22 9.92 -16.00
N PRO B 69 14.80 11.05 -15.58
CA PRO B 69 16.00 10.95 -14.76
C PRO B 69 15.64 10.58 -13.30
N LEU B 70 15.55 9.29 -13.00
CA LEU B 70 15.19 8.87 -11.64
C LEU B 70 16.30 8.90 -10.62
N LYS B 71 16.03 9.46 -9.46
CA LYS B 71 17.02 9.44 -8.39
C LYS B 71 16.64 8.32 -7.42
N ALA B 72 15.36 7.92 -7.46
CA ALA B 72 14.85 6.86 -6.58
C ALA B 72 13.51 6.40 -7.12
N LEU B 73 13.09 5.19 -6.72
CA LEU B 73 11.82 4.62 -7.14
C LEU B 73 11.01 4.25 -5.91
N VAL B 74 9.75 4.65 -5.88
CA VAL B 74 8.84 4.27 -4.77
C VAL B 74 7.76 3.35 -5.36
N VAL B 75 7.63 2.17 -4.76
CA VAL B 75 6.59 1.21 -5.16
C VAL B 75 5.49 1.56 -4.17
N ALA B 76 4.57 2.37 -4.62
CA ALA B 76 3.50 2.85 -3.77
C ALA B 76 2.41 1.82 -3.48
N CYS B 77 2.32 0.82 -4.33
CA CYS B 77 1.31 -0.23 -4.23
C CYS B 77 1.79 -1.36 -3.31
N ASN B 78 1.03 -1.65 -2.25
CA ASN B 78 1.45 -2.72 -1.33
C ASN B 78 1.46 -4.07 -2.03
N THR B 79 0.50 -4.31 -2.93
CA THR B 79 0.43 -5.58 -3.67
C THR B 79 1.64 -5.74 -4.58
N ALA B 80 1.99 -4.65 -5.26
CA ALA B 80 3.13 -4.65 -6.16
C ALA B 80 4.41 -4.81 -5.35
N ALA B 81 4.50 -4.16 -4.19
CA ALA B 81 5.70 -4.29 -3.38
C ALA B 81 5.88 -5.73 -2.89
N ALA B 82 4.78 -6.34 -2.46
CA ALA B 82 4.84 -7.71 -1.96
C ALA B 82 5.35 -8.64 -3.04
N ALA B 83 4.92 -8.41 -4.27
CA ALA B 83 5.32 -9.29 -5.34
C ALA B 83 6.67 -9.04 -6.00
N THR B 84 7.12 -7.80 -5.99
N THR B 84 7.05 -7.76 -6.03
CA THR B 84 8.36 -7.51 -6.72
CA THR B 84 8.22 -7.34 -6.80
C THR B 84 9.45 -6.67 -6.09
C THR B 84 9.34 -6.52 -6.16
N LEU B 85 9.25 -6.18 -4.87
CA LEU B 85 10.27 -5.34 -4.27
C LEU B 85 11.69 -5.92 -4.32
N ALA B 86 11.84 -7.19 -3.94
CA ALA B 86 13.16 -7.81 -3.94
C ALA B 86 13.75 -7.82 -5.35
N ALA B 87 12.92 -8.15 -6.33
CA ALA B 87 13.37 -8.21 -7.71
C ALA B 87 13.85 -6.85 -8.21
N LEU B 88 13.11 -5.81 -7.83
CA LEU B 88 13.45 -4.45 -8.24
C LEU B 88 14.73 -3.95 -7.58
N GLN B 89 14.89 -4.21 -6.28
CA GLN B 89 16.06 -3.74 -5.57
C GLN B 89 17.31 -4.41 -6.13
N GLU B 90 17.16 -5.63 -6.61
CA GLU B 90 18.28 -6.36 -7.19
C GLU B 90 18.60 -5.79 -8.57
N ALA B 91 17.57 -5.59 -9.38
CA ALA B 91 17.73 -5.10 -10.75
C ALA B 91 18.22 -3.65 -10.91
N LEU B 92 17.73 -2.74 -10.09
CA LEU B 92 18.10 -1.33 -10.20
C LEU B 92 19.25 -0.91 -9.30
N SER B 93 19.96 0.13 -9.72
CA SER B 93 21.08 0.68 -8.97
C SER B 93 20.65 1.85 -8.09
N ILE B 94 19.49 2.44 -8.40
CA ILE B 94 18.98 3.55 -7.60
C ILE B 94 18.22 2.96 -6.40
N PRO B 95 18.00 3.77 -5.36
CA PRO B 95 17.26 3.29 -4.17
C PRO B 95 15.82 2.98 -4.57
N VAL B 96 15.31 1.85 -4.11
CA VAL B 96 13.94 1.46 -4.38
C VAL B 96 13.29 1.33 -3.01
N ILE B 97 12.26 2.14 -2.76
CA ILE B 97 11.58 2.14 -1.46
C ILE B 97 10.16 1.60 -1.66
N GLY B 98 9.83 0.55 -0.93
CA GLY B 98 8.50 -0.05 -1.00
C GLY B 98 7.68 0.47 0.17
N VAL B 99 6.38 0.21 0.14
CA VAL B 99 5.49 0.71 1.18
C VAL B 99 5.31 -0.23 2.37
N ILE B 100 5.81 -1.45 2.24
CA ILE B 100 5.64 -2.45 3.31
C ILE B 100 6.59 -2.28 4.49
N HIS B 101 7.90 -2.22 4.22
CA HIS B 101 8.87 -2.10 5.30
C HIS B 101 8.72 -0.84 6.14
N PRO B 102 8.41 0.31 5.52
CA PRO B 102 8.25 1.52 6.34
C PRO B 102 7.10 1.35 7.31
N GLY B 103 6.03 0.67 6.89
CA GLY B 103 4.87 0.45 7.75
C GLY B 103 5.23 -0.50 8.92
N ALA B 104 5.96 -1.56 8.60
CA ALA B 104 6.40 -2.51 9.65
C ALA B 104 7.29 -1.79 10.67
N ARG B 105 8.22 -0.97 10.16
CA ARG B 105 9.13 -0.25 11.05
C ARG B 105 8.37 0.67 12.01
N ALA B 106 7.38 1.40 11.48
CA ALA B 106 6.60 2.29 12.28
C ALA B 106 5.76 1.51 13.32
N ALA B 107 5.30 0.32 12.93
CA ALA B 107 4.50 -0.50 13.85
C ALA B 107 5.35 -0.89 15.06
N ILE B 108 6.61 -1.23 14.82
CA ILE B 108 7.51 -1.59 15.93
C ILE B 108 7.72 -0.38 16.83
N LYS B 109 7.78 0.81 16.24
CA LYS B 109 7.96 2.02 17.04
C LYS B 109 6.77 2.33 17.95
N VAL B 110 5.53 2.12 17.47
CA VAL B 110 4.37 2.47 18.25
C VAL B 110 3.77 1.38 19.14
N THR B 111 4.08 0.12 18.87
CA THR B 111 3.49 -0.94 19.68
C THR B 111 4.07 -0.94 21.07
N LYS B 112 3.20 -1.22 22.04
CA LYS B 112 3.62 -1.32 23.43
C LYS B 112 3.59 -2.81 23.83
N LYS B 113 2.66 -3.56 23.25
N LYS B 113 2.69 -3.58 23.26
CA LYS B 113 2.48 -4.99 23.54
CA LYS B 113 2.64 -5.00 23.64
C LYS B 113 3.19 -5.96 22.61
C LYS B 113 3.24 -5.97 22.63
N GLY B 114 3.66 -5.46 21.47
CA GLY B 114 4.30 -6.31 20.49
C GLY B 114 3.29 -7.18 19.75
N LYS B 115 2.08 -6.68 19.58
CA LYS B 115 1.00 -7.43 18.91
C LYS B 115 0.47 -6.50 17.84
N ILE B 116 0.72 -6.89 16.60
CA ILE B 116 0.40 -6.05 15.46
C ILE B 116 -0.54 -6.66 14.44
N GLY B 117 -1.55 -5.90 14.02
CA GLY B 117 -2.42 -6.43 12.98
C GLY B 117 -2.05 -5.75 11.66
N VAL B 118 -2.36 -6.40 10.55
N VAL B 118 -2.38 -6.45 10.57
CA VAL B 118 -2.15 -5.74 9.25
CA VAL B 118 -2.12 -5.97 9.22
C VAL B 118 -3.20 -6.26 8.29
C VAL B 118 -3.31 -6.31 8.32
N ILE B 119 -3.76 -5.35 7.50
CA ILE B 119 -4.81 -5.66 6.54
C ILE B 119 -4.36 -5.22 5.16
N GLY B 120 -4.84 -5.93 4.13
CA GLY B 120 -4.43 -5.58 2.78
C GLY B 120 -5.10 -6.50 1.80
N THR B 121 -4.65 -6.46 0.55
CA THR B 121 -5.25 -7.32 -0.48
C THR B 121 -4.85 -8.77 -0.28
N VAL B 122 -5.53 -9.66 -0.97
CA VAL B 122 -5.19 -11.04 -0.88
C VAL B 122 -3.72 -11.26 -1.29
N GLY B 123 -3.27 -10.60 -2.35
CA GLY B 123 -1.89 -10.78 -2.77
C GLY B 123 -0.90 -10.33 -1.70
N THR B 124 -1.18 -9.18 -1.09
CA THR B 124 -0.29 -8.66 -0.05
C THR B 124 -0.23 -9.58 1.14
N ILE B 125 -1.38 -10.04 1.59
CA ILE B 125 -1.41 -10.91 2.75
C ILE B 125 -0.84 -12.29 2.46
N GLN B 126 -1.18 -12.88 1.31
CA GLN B 126 -0.64 -14.20 1.01
C GLN B 126 0.87 -14.26 0.84
N SER B 127 1.50 -13.13 0.53
CA SER B 127 2.96 -13.08 0.37
C SER B 127 3.66 -13.25 1.72
N ASN B 128 2.92 -12.91 2.78
CA ASN B 128 3.38 -12.91 4.16
C ASN B 128 4.56 -11.96 4.36
N MET B 129 4.70 -10.98 3.48
N MET B 129 4.69 -10.97 3.48
CA MET B 129 5.82 -10.05 3.60
CA MET B 129 5.79 -10.03 3.58
C MET B 129 5.79 -9.22 4.88
C MET B 129 5.78 -9.21 4.86
N TYR B 130 4.59 -8.87 5.35
CA TYR B 130 4.52 -8.09 6.58
C TYR B 130 5.05 -8.87 7.76
N GLU B 131 4.63 -10.12 7.93
CA GLU B 131 5.14 -10.91 9.05
C GLU B 131 6.65 -11.10 8.89
N LYS B 132 7.10 -11.38 7.68
CA LYS B 132 8.53 -11.57 7.47
C LYS B 132 9.33 -10.30 7.77
N ALA B 133 8.82 -9.14 7.34
CA ALA B 133 9.53 -7.90 7.61
C ALA B 133 9.57 -7.60 9.10
N LEU B 134 8.44 -7.79 9.76
CA LEU B 134 8.37 -7.53 11.17
C LEU B 134 9.32 -8.44 11.96
N HIS B 135 9.32 -9.71 11.62
CA HIS B 135 10.18 -10.66 12.34
C HIS B 135 11.65 -10.48 12.08
N GLU B 136 11.97 -9.89 10.93
CA GLU B 136 13.38 -9.62 10.63
C GLU B 136 13.90 -8.61 11.65
N LEU B 137 13.05 -7.67 12.06
CA LEU B 137 13.49 -6.68 13.03
C LEU B 137 13.31 -7.17 14.47
N ASP B 138 12.27 -7.94 14.72
CA ASP B 138 12.01 -8.42 16.09
C ASP B 138 11.25 -9.74 15.98
N THR B 139 11.96 -10.82 16.26
CA THR B 139 11.38 -12.15 16.18
C THR B 139 10.22 -12.37 17.16
N TYR B 140 10.23 -11.66 18.29
CA TYR B 140 9.21 -11.82 19.32
C TYR B 140 7.99 -10.91 19.24
N LEU B 141 7.46 -10.79 18.03
CA LEU B 141 6.25 -10.00 17.81
C LEU B 141 5.19 -10.98 17.35
N LYS B 142 3.94 -10.69 17.69
CA LYS B 142 2.84 -11.53 17.26
C LYS B 142 2.17 -10.69 16.16
N VAL B 143 2.04 -11.27 14.98
CA VAL B 143 1.47 -10.57 13.83
C VAL B 143 0.23 -11.28 13.34
N HIS B 144 -0.85 -10.52 13.21
CA HIS B 144 -2.12 -11.06 12.71
C HIS B 144 -2.37 -10.41 11.37
N SER B 145 -2.35 -11.20 10.30
CA SER B 145 -2.51 -10.69 8.94
C SER B 145 -3.83 -11.15 8.35
N HIS B 146 -4.65 -10.18 7.90
N HIS B 146 -4.64 -10.19 7.88
CA HIS B 146 -5.99 -10.45 7.37
CA HIS B 146 -5.93 -10.52 7.32
C HIS B 146 -6.33 -9.75 6.05
C HIS B 146 -6.21 -9.78 6.03
N ALA B 147 -6.68 -10.52 5.03
CA ALA B 147 -7.03 -9.94 3.73
C ALA B 147 -8.41 -9.30 3.83
N CYS B 148 -8.58 -8.13 3.22
CA CYS B 148 -9.86 -7.39 3.21
C CYS B 148 -10.09 -7.04 1.75
N PRO B 149 -10.43 -8.06 0.94
N PRO B 149 -10.33 -8.08 0.92
CA PRO B 149 -10.66 -7.89 -0.50
CA PRO B 149 -10.56 -7.99 -0.52
C PRO B 149 -11.70 -6.87 -0.99
C PRO B 149 -11.45 -6.87 -1.04
N THR B 150 -12.69 -6.54 -0.16
N THR B 150 -12.56 -6.63 -0.38
CA THR B 150 -13.73 -5.62 -0.63
CA THR B 150 -13.52 -5.63 -0.84
C THR B 150 -13.44 -4.15 -0.37
C THR B 150 -13.21 -4.18 -0.60
N LEU B 151 -12.44 -3.88 0.44
CA LEU B 151 -12.18 -2.50 0.79
C LEU B 151 -11.67 -1.54 -0.25
N ALA B 152 -10.72 -1.94 -1.08
CA ALA B 152 -10.23 -1.01 -2.09
C ALA B 152 -11.34 -0.64 -3.08
N THR B 153 -12.15 -1.62 -3.48
CA THR B 153 -13.24 -1.34 -4.43
C THR B 153 -14.25 -0.42 -3.76
N VAL B 154 -14.49 -0.64 -2.47
CA VAL B 154 -15.41 0.21 -1.73
C VAL B 154 -14.93 1.65 -1.77
N VAL B 155 -13.62 1.84 -1.56
CA VAL B 155 -13.07 3.18 -1.57
C VAL B 155 -13.21 3.86 -2.95
N GLU B 156 -12.95 3.13 -4.03
CA GLU B 156 -13.07 3.75 -5.34
C GLU B 156 -14.48 3.91 -5.90
N ASN B 157 -15.39 3.03 -5.49
CA ASN B 157 -16.74 3.06 -6.06
C ASN B 157 -17.96 3.25 -5.20
N ARG B 158 -17.82 3.20 -3.87
CA ARG B 158 -18.99 3.30 -3.00
C ARG B 158 -18.74 4.19 -1.80
N LEU B 159 -17.67 4.99 -1.84
CA LEU B 159 -17.32 5.79 -0.68
C LEU B 159 -18.40 6.75 -0.16
N GLU B 160 -19.27 7.22 -1.04
CA GLU B 160 -20.32 8.15 -0.61
C GLU B 160 -21.48 7.44 0.10
N ASP B 161 -21.55 6.12 -0.04
CA ASP B 161 -22.60 5.33 0.58
C ASP B 161 -22.07 4.93 1.96
N THR B 162 -22.15 5.86 2.92
N THR B 162 -22.19 5.86 2.90
CA THR B 162 -21.63 5.61 4.25
CA THR B 162 -21.73 5.71 4.27
C THR B 162 -22.17 4.38 4.99
C THR B 162 -22.19 4.44 5.00
N ALA B 163 -23.45 4.08 4.82
CA ALA B 163 -24.00 2.90 5.47
C ALA B 163 -23.31 1.65 4.93
N TYR B 164 -23.08 1.63 3.61
CA TYR B 164 -22.45 0.49 2.98
C TYR B 164 -21.00 0.40 3.40
N VAL B 165 -20.33 1.54 3.49
CA VAL B 165 -18.91 1.55 3.87
C VAL B 165 -18.80 1.03 5.30
N THR B 166 -19.67 1.50 6.19
CA THR B 166 -19.62 1.04 7.56
C THR B 166 -19.81 -0.47 7.67
N GLN B 167 -20.75 -1.02 6.91
CA GLN B 167 -20.99 -2.45 6.95
C GLN B 167 -19.82 -3.25 6.41
N GLN B 168 -19.22 -2.74 5.33
CA GLN B 168 -18.09 -3.45 4.72
C GLN B 168 -16.87 -3.39 5.61
N VAL B 169 -16.65 -2.26 6.28
CA VAL B 169 -15.50 -2.14 7.18
C VAL B 169 -15.75 -3.06 8.40
N LYS B 170 -16.99 -3.11 8.88
CA LYS B 170 -17.33 -3.98 10.02
C LYS B 170 -17.04 -5.44 9.69
N GLN B 171 -17.47 -5.87 8.51
CA GLN B 171 -17.28 -7.23 8.07
C GLN B 171 -15.81 -7.57 7.85
N ALA B 172 -15.07 -6.62 7.27
CA ALA B 172 -13.67 -6.86 6.99
C ALA B 172 -12.83 -6.97 8.26
N LEU B 173 -13.14 -6.16 9.25
CA LEU B 173 -12.35 -6.14 10.49
C LEU B 173 -12.83 -7.09 11.59
N LEU B 174 -13.94 -7.78 11.38
CA LEU B 174 -14.42 -8.69 12.41
C LEU B 174 -13.32 -9.64 12.91
N PRO B 175 -12.56 -10.27 12.01
CA PRO B 175 -11.51 -11.17 12.51
C PRO B 175 -10.50 -10.49 13.45
N LEU B 176 -10.16 -9.22 13.17
CA LEU B 176 -9.20 -8.53 14.02
C LEU B 176 -9.77 -8.05 15.33
N THR B 177 -11.09 -7.85 15.40
CA THR B 177 -11.70 -7.39 16.65
C THR B 177 -11.60 -8.51 17.67
N LYS B 178 -11.36 -9.73 17.19
CA LYS B 178 -11.27 -10.89 18.08
C LYS B 178 -9.84 -11.10 18.56
N GLU B 179 -8.90 -10.41 17.94
CA GLU B 179 -7.50 -10.58 18.29
C GLU B 179 -6.99 -9.48 19.18
N ASP B 180 -5.96 -9.82 19.96
CA ASP B 180 -5.33 -8.88 20.84
C ASP B 180 -4.21 -8.16 20.06
N ILE B 181 -4.51 -6.93 19.63
CA ILE B 181 -3.48 -6.11 18.95
C ILE B 181 -3.57 -4.69 19.50
N ASP B 182 -2.49 -3.93 19.41
CA ASP B 182 -2.56 -2.54 19.83
C ASP B 182 -2.10 -1.62 18.70
N THR B 183 -1.82 -2.22 17.53
CA THR B 183 -1.33 -1.49 16.37
C THR B 183 -1.91 -2.14 15.11
N LEU B 184 -2.30 -1.36 14.11
CA LEU B 184 -2.85 -1.91 12.86
C LEU B 184 -2.20 -1.17 11.69
N ILE B 185 -1.57 -1.93 10.81
CA ILE B 185 -0.95 -1.36 9.62
C ILE B 185 -1.96 -1.35 8.47
N LEU B 186 -2.22 -0.19 7.88
CA LEU B 186 -3.09 -0.11 6.72
C LEU B 186 -2.23 -0.50 5.51
N GLY B 187 -2.18 -1.81 5.24
CA GLY B 187 -1.35 -2.36 4.18
C GLY B 187 -1.91 -2.32 2.76
N CYS B 188 -2.52 -1.20 2.42
CA CYS B 188 -3.12 -1.01 1.10
C CYS B 188 -3.21 0.50 0.87
N THR B 189 -2.95 0.91 -0.37
CA THR B 189 -2.98 2.32 -0.76
C THR B 189 -4.30 3.01 -0.46
N HIS B 190 -5.40 2.27 -0.54
CA HIS B 190 -6.70 2.92 -0.39
C HIS B 190 -7.19 3.09 1.02
N TYR B 191 -6.62 2.33 1.96
CA TYR B 191 -7.18 2.37 3.31
C TYR B 191 -7.15 3.66 4.09
N PRO B 192 -6.20 4.59 3.81
CA PRO B 192 -6.23 5.82 4.58
C PRO B 192 -7.59 6.52 4.43
N LEU B 193 -8.26 6.35 3.29
N LEU B 193 -8.26 6.30 3.29
CA LEU B 193 -9.55 7.02 3.15
CA LEU B 193 -9.58 6.87 2.99
C LEU B 193 -10.61 6.45 4.08
C LEU B 193 -10.68 6.32 3.88
N LEU B 194 -10.35 5.28 4.63
CA LEU B 194 -11.30 4.61 5.53
C LEU B 194 -10.88 4.76 6.97
N GLU B 195 -9.85 5.56 7.23
CA GLU B 195 -9.33 5.66 8.59
C GLU B 195 -10.36 5.88 9.69
N SER B 196 -11.27 6.83 9.47
CA SER B 196 -12.29 7.09 10.48
C SER B 196 -13.15 5.88 10.78
N TYR B 197 -13.55 5.14 9.75
CA TYR B 197 -14.39 3.97 9.93
C TYR B 197 -13.65 2.90 10.71
N ILE B 198 -12.39 2.71 10.35
CA ILE B 198 -11.56 1.70 10.98
C ILE B 198 -11.35 1.99 12.46
N LYS B 199 -11.04 3.24 12.78
CA LYS B 199 -10.82 3.63 14.18
C LYS B 199 -12.08 3.37 14.99
N LYS B 200 -13.23 3.68 14.41
CA LYS B 200 -14.50 3.48 15.09
C LYS B 200 -14.72 1.99 15.39
N GLU B 201 -14.32 1.15 14.44
CA GLU B 201 -14.51 -0.29 14.59
C GLU B 201 -13.53 -0.95 15.56
N LEU B 202 -12.27 -0.51 15.58
CA LEU B 202 -11.29 -1.13 16.47
C LEU B 202 -11.13 -0.49 17.83
N GLY B 203 -11.50 0.78 17.96
CA GLY B 203 -11.38 1.44 19.24
C GLY B 203 -10.14 2.28 19.42
N GLU B 204 -10.16 3.08 20.49
CA GLU B 204 -9.08 3.99 20.86
C GLU B 204 -7.76 3.31 21.20
N ASP B 205 -7.81 2.06 21.61
CA ASP B 205 -6.60 1.36 22.02
C ASP B 205 -5.74 0.78 20.89
N VAL B 206 -6.15 1.00 19.64
CA VAL B 206 -5.37 0.48 18.53
C VAL B 206 -4.84 1.66 17.69
N THR B 207 -3.52 1.75 17.59
CA THR B 207 -2.91 2.83 16.81
C THR B 207 -2.85 2.44 15.34
N ILE B 208 -3.38 3.32 14.50
N ILE B 208 -3.41 3.27 14.46
CA ILE B 208 -3.44 3.13 13.06
CA ILE B 208 -3.44 2.96 13.02
C ILE B 208 -2.14 3.66 12.40
C ILE B 208 -2.30 3.60 12.23
N ILE B 209 -1.61 2.86 11.48
N ILE B 209 -1.50 2.74 11.58
CA ILE B 209 -0.40 3.22 10.76
CA ILE B 209 -0.34 3.16 10.77
C ILE B 209 -0.69 3.30 9.27
C ILE B 209 -0.68 3.29 9.28
N SER B 210 -0.37 4.45 8.69
CA SER B 210 -0.61 4.68 7.26
C SER B 210 0.62 4.32 6.49
N SER B 211 0.49 3.51 5.45
CA SER B 211 1.66 3.15 4.64
C SER B 211 2.22 4.43 4.01
N ALA B 212 1.34 5.33 3.59
CA ALA B 212 1.78 6.56 2.91
C ALA B 212 2.63 7.47 3.78
N GLU B 213 2.16 7.76 4.99
N GLU B 213 2.14 7.75 4.99
CA GLU B 213 2.90 8.63 5.89
CA GLU B 213 2.86 8.61 5.91
C GLU B 213 4.27 8.07 6.22
C GLU B 213 4.24 8.07 6.27
N GLU B 214 4.33 6.77 6.48
CA GLU B 214 5.61 6.19 6.86
C GLU B 214 6.57 6.01 5.70
N THR B 215 6.03 5.83 4.49
CA THR B 215 6.92 5.65 3.34
C THR B 215 7.57 6.96 2.97
N ALA B 216 6.85 8.05 3.13
CA ALA B 216 7.47 9.33 2.80
C ALA B 216 8.63 9.65 3.76
N ILE B 217 8.47 9.36 5.04
CA ILE B 217 9.55 9.66 5.95
C ILE B 217 10.72 8.68 5.71
N GLU B 218 10.42 7.43 5.31
CA GLU B 218 11.48 6.49 5.01
C GLU B 218 12.29 6.98 3.80
N LEU B 219 11.58 7.44 2.76
CA LEU B 219 12.26 7.99 1.58
C LEU B 219 13.12 9.20 1.99
N SER B 220 12.55 10.10 2.81
CA SER B 220 13.28 11.27 3.28
C SER B 220 14.62 10.85 3.97
N THR B 221 14.53 9.87 4.85
CA THR B 221 15.67 9.38 5.57
C THR B 221 16.76 8.87 4.63
N ILE B 222 16.36 8.08 3.64
CA ILE B 222 17.30 7.51 2.70
C ILE B 222 17.89 8.55 1.77
N LEU B 223 17.07 9.45 1.25
CA LEU B 223 17.63 10.48 0.35
C LEU B 223 18.66 11.32 1.12
N GLN B 224 18.36 11.67 2.37
CA GLN B 224 19.33 12.50 3.08
C GLN B 224 20.59 11.70 3.44
N HIS B 225 20.42 10.44 3.82
CA HIS B 225 21.56 9.59 4.14
C HIS B 225 22.51 9.52 2.94
N LYS B 226 21.93 9.40 1.76
CA LYS B 226 22.68 9.31 0.52
C LYS B 226 23.19 10.65 0.01
N GLY B 227 22.75 11.75 0.63
CA GLY B 227 23.19 13.08 0.21
C GLY B 227 22.62 13.50 -1.14
N ILE B 228 21.39 13.09 -1.42
CA ILE B 228 20.77 13.42 -2.71
C ILE B 228 19.44 14.15 -2.64
N LEU B 229 19.23 14.90 -1.58
CA LEU B 229 18.00 15.69 -1.45
C LEU B 229 17.99 16.82 -2.49
N ALA B 230 16.81 17.11 -3.04
CA ALA B 230 16.67 18.22 -3.98
C ALA B 230 16.59 19.52 -3.19
N ASP B 231 16.87 20.65 -3.85
CA ASP B 231 16.77 21.95 -3.21
C ASP B 231 15.78 22.88 -3.93
N ASN B 232 14.98 22.29 -4.81
CA ASN B 232 13.98 23.01 -5.62
C ASN B 232 12.85 23.61 -4.77
N LEU B 233 12.73 24.94 -4.79
N LEU B 233 12.72 24.93 -4.74
CA LEU B 233 11.72 25.65 -4.00
CA LEU B 233 11.66 25.52 -3.93
C LEU B 233 10.30 25.64 -4.56
C LEU B 233 10.27 25.31 -4.48
N ASN B 234 10.15 25.19 -5.81
CA ASN B 234 8.83 25.07 -6.42
C ASN B 234 8.81 24.04 -7.54
N PRO B 235 8.87 22.74 -7.17
CA PRO B 235 8.84 21.69 -8.18
C PRO B 235 7.44 21.50 -8.76
N LYS B 236 7.39 20.77 -9.86
CA LYS B 236 6.13 20.40 -10.48
C LYS B 236 6.12 18.88 -10.58
N HIS B 237 4.91 18.31 -10.52
CA HIS B 237 4.76 16.87 -10.57
C HIS B 237 3.99 16.44 -11.81
N ARG B 238 4.27 15.23 -12.30
CA ARG B 238 3.60 14.70 -13.48
C ARG B 238 2.97 13.36 -13.13
N PHE B 239 1.75 13.16 -13.61
CA PHE B 239 1.05 11.89 -13.37
C PHE B 239 0.67 11.25 -14.69
N PHE B 240 0.80 9.93 -14.76
CA PHE B 240 0.49 9.18 -15.96
C PHE B 240 -0.39 7.99 -15.62
N THR B 241 -1.30 7.63 -16.53
CA THR B 241 -2.19 6.51 -16.27
C THR B 241 -2.41 5.70 -17.54
N THR B 242 -2.65 4.41 -17.36
CA THR B 242 -2.89 3.55 -18.52
C THR B 242 -4.39 3.48 -18.78
N GLY B 243 -5.19 4.01 -17.86
CA GLY B 243 -6.63 3.99 -18.06
C GLY B 243 -7.13 5.33 -18.58
N SER B 244 -8.39 5.61 -18.33
CA SER B 244 -9.02 6.86 -18.74
C SER B 244 -8.37 8.04 -18.03
N VAL B 245 -7.93 9.02 -18.81
CA VAL B 245 -7.32 10.21 -18.27
C VAL B 245 -8.36 11.06 -17.53
N SER B 246 -9.54 11.21 -18.12
CA SER B 246 -10.57 12.01 -17.45
C SER B 246 -10.99 11.36 -16.14
N SER B 247 -11.04 10.04 -16.12
CA SER B 247 -11.40 9.29 -14.92
C SER B 247 -10.39 9.53 -13.79
N PHE B 248 -9.11 9.40 -14.13
CA PHE B 248 -8.03 9.63 -13.16
C PHE B 248 -8.07 11.05 -12.62
N GLU B 249 -8.20 12.04 -13.51
CA GLU B 249 -8.26 13.45 -13.11
C GLU B 249 -9.40 13.73 -12.13
N HIS B 250 -10.54 13.11 -12.38
CA HIS B 250 -11.71 13.30 -11.52
C HIS B 250 -11.52 12.73 -10.12
N ILE B 251 -11.01 11.50 -10.02
CA ILE B 251 -10.79 10.91 -8.69
C ILE B 251 -9.71 11.71 -7.96
N ALA B 252 -8.64 12.03 -8.68
CA ALA B 252 -7.53 12.78 -8.11
C ALA B 252 -8.00 14.11 -7.50
N GLU B 253 -8.82 14.84 -8.24
CA GLU B 253 -9.29 16.11 -7.71
C GLU B 253 -10.10 15.87 -6.44
N ARG B 254 -10.86 14.78 -6.42
CA ARG B 254 -11.66 14.48 -5.22
C ARG B 254 -10.77 14.12 -4.04
N TRP B 255 -9.76 13.30 -4.27
CA TRP B 255 -8.88 12.87 -3.18
C TRP B 255 -7.90 13.94 -2.70
N LEU B 256 -7.28 14.63 -3.65
CA LEU B 256 -6.30 15.65 -3.32
C LEU B 256 -6.87 17.03 -2.97
N GLY B 257 -8.00 17.38 -3.56
CA GLY B 257 -8.58 18.69 -3.28
C GLY B 257 -8.16 19.70 -4.34
N TYR B 258 -7.42 19.24 -5.35
CA TYR B 258 -7.01 20.13 -6.43
C TYR B 258 -6.70 19.35 -7.70
N GLN B 259 -6.60 20.05 -8.83
CA GLN B 259 -6.33 19.40 -10.11
C GLN B 259 -4.86 19.16 -10.35
N ILE B 260 -4.56 18.05 -11.02
CA ILE B 260 -3.18 17.70 -11.32
C ILE B 260 -2.95 17.47 -12.81
N SER B 261 -1.68 17.39 -13.21
N SER B 261 -1.68 17.39 -13.21
CA SER B 261 -1.33 17.14 -14.61
CA SER B 261 -1.33 17.14 -14.61
C SER B 261 -1.39 15.63 -14.87
C SER B 261 -1.39 15.63 -14.87
N VAL B 262 -2.31 15.21 -15.74
CA VAL B 262 -2.44 13.79 -16.06
C VAL B 262 -2.36 13.50 -17.56
N ASP B 263 -1.55 12.51 -17.91
CA ASP B 263 -1.39 12.12 -19.31
C ASP B 263 -1.55 10.60 -19.47
N CYS B 264 -1.91 10.18 -20.68
CA CYS B 264 -2.12 8.76 -20.98
C CYS B 264 -0.81 8.10 -21.38
N VAL B 265 -0.71 6.80 -21.14
CA VAL B 265 0.49 6.05 -21.48
C VAL B 265 0.07 4.64 -21.84
N ASP B 266 0.79 4.02 -22.76
CA ASP B 266 0.52 2.64 -23.16
C ASP B 266 1.68 1.77 -22.71
N LEU B 267 1.36 0.65 -22.06
CA LEU B 267 2.39 -0.29 -21.63
C LEU B 267 2.11 -1.56 -22.41
N PRO B 268 3.16 -2.29 -22.83
CA PRO B 268 4.58 -1.99 -22.63
C PRO B 268 5.04 -0.85 -23.54
N VAL B 269 6.05 -0.13 -23.08
CA VAL B 269 6.60 1.02 -23.83
C VAL B 269 7.18 0.62 -25.18
N LYS B 270 7.07 1.55 -26.13
CA LYS B 270 7.55 1.41 -27.50
C LYS B 270 7.13 0.11 -28.17
N HIS C 5 -43.64 -24.52 -11.97
CA HIS C 5 -42.98 -24.63 -13.30
C HIS C 5 -43.47 -23.51 -14.23
N LYS C 6 -44.75 -23.19 -14.11
CA LYS C 6 -45.43 -22.14 -14.87
C LYS C 6 -44.88 -20.74 -14.55
N HIS C 7 -44.34 -20.59 -13.35
CA HIS C 7 -43.82 -19.30 -12.93
C HIS C 7 -42.30 -19.31 -12.74
N SER C 8 -41.67 -20.38 -13.20
N SER C 8 -41.67 -20.38 -13.20
CA SER C 8 -40.22 -20.51 -13.05
CA SER C 8 -40.22 -20.53 -13.06
C SER C 8 -39.46 -19.53 -13.94
C SER C 8 -39.43 -19.58 -13.95
N VAL C 9 -38.26 -19.16 -13.49
CA VAL C 9 -37.45 -18.21 -14.21
C VAL C 9 -36.11 -18.78 -14.68
N ILE C 10 -35.46 -18.04 -15.59
CA ILE C 10 -34.14 -18.43 -16.06
C ILE C 10 -33.15 -17.66 -15.20
N GLY C 11 -32.33 -18.36 -14.41
CA GLY C 11 -31.32 -17.66 -13.63
C GLY C 11 -30.14 -17.38 -14.56
N VAL C 12 -29.55 -16.19 -14.46
CA VAL C 12 -28.39 -15.86 -15.31
C VAL C 12 -27.34 -15.24 -14.40
N LEU C 13 -26.11 -15.76 -14.44
CA LEU C 13 -25.08 -15.18 -13.58
C LEU C 13 -23.90 -14.73 -14.43
N ASP C 14 -23.22 -13.69 -13.97
CA ASP C 14 -22.09 -13.12 -14.70
C ASP C 14 -21.20 -12.41 -13.72
N SER C 15 -19.98 -12.10 -14.14
CA SER C 15 -19.10 -11.37 -13.26
C SER C 15 -19.50 -9.88 -13.13
N GLY C 16 -20.38 -9.37 -13.99
CA GLY C 16 -20.78 -7.98 -13.93
C GLY C 16 -21.85 -7.58 -14.92
N VAL C 17 -21.53 -6.59 -15.74
CA VAL C 17 -22.47 -6.07 -16.72
C VAL C 17 -22.31 -6.72 -18.10
N GLY C 18 -21.17 -7.34 -18.37
CA GLY C 18 -20.97 -7.95 -19.67
C GLY C 18 -22.07 -8.92 -20.06
N GLY C 19 -22.52 -9.69 -19.07
CA GLY C 19 -23.56 -10.68 -19.27
C GLY C 19 -24.84 -10.15 -19.87
N LEU C 20 -25.00 -8.82 -19.88
CA LEU C 20 -26.17 -8.25 -20.51
C LEU C 20 -26.22 -8.60 -22.00
N THR C 21 -25.07 -8.90 -22.63
CA THR C 21 -25.18 -9.31 -24.04
C THR C 21 -25.95 -10.63 -24.13
N VAL C 22 -25.71 -11.52 -23.16
CA VAL C 22 -26.37 -12.82 -23.15
C VAL C 22 -27.84 -12.62 -22.77
N ALA C 23 -28.06 -11.82 -21.75
CA ALA C 23 -29.43 -11.58 -21.35
C ALA C 23 -30.28 -11.00 -22.49
N SER C 24 -29.71 -10.06 -23.24
CA SER C 24 -30.42 -9.45 -24.34
C SER C 24 -30.81 -10.49 -25.38
N GLU C 25 -29.91 -11.43 -25.66
CA GLU C 25 -30.26 -12.45 -26.64
C GLU C 25 -31.32 -13.43 -26.15
N ILE C 26 -31.34 -13.74 -24.85
CA ILE C 26 -32.37 -14.64 -24.32
C ILE C 26 -33.70 -13.89 -24.41
N ILE C 27 -33.68 -12.62 -24.05
CA ILE C 27 -34.90 -11.82 -24.11
C ILE C 27 -35.43 -11.77 -25.55
N ARG C 28 -34.54 -11.66 -26.53
CA ARG C 28 -34.96 -11.59 -27.92
C ARG C 28 -35.44 -12.91 -28.50
N GLN C 29 -34.69 -13.99 -28.28
CA GLN C 29 -35.04 -15.28 -28.85
C GLN C 29 -36.03 -16.12 -28.04
N LEU C 30 -36.16 -15.84 -26.75
CA LEU C 30 -37.11 -16.56 -25.88
C LEU C 30 -37.92 -15.47 -25.15
N PRO C 31 -38.70 -14.71 -25.91
CA PRO C 31 -39.50 -13.63 -25.35
C PRO C 31 -40.54 -13.96 -24.33
N LYS C 32 -40.84 -15.24 -24.14
CA LYS C 32 -41.83 -15.59 -23.11
C LYS C 32 -41.20 -15.99 -21.77
N GLU C 33 -39.87 -16.13 -21.75
CA GLU C 33 -39.16 -16.51 -20.53
C GLU C 33 -38.87 -15.29 -19.64
N SER C 34 -38.74 -15.54 -18.34
CA SER C 34 -38.45 -14.46 -17.37
C SER C 34 -37.02 -14.63 -16.85
N ILE C 35 -36.23 -13.57 -16.86
N ILE C 35 -36.29 -13.52 -16.89
CA ILE C 35 -34.86 -13.67 -16.39
CA ILE C 35 -34.90 -13.43 -16.50
C ILE C 35 -34.65 -13.03 -15.02
C ILE C 35 -34.68 -12.95 -15.05
N CYS C 36 -33.81 -13.68 -14.22
N CYS C 36 -33.81 -13.65 -14.33
CA CYS C 36 -33.40 -13.18 -12.90
CA CYS C 36 -33.41 -13.26 -12.97
C CYS C 36 -31.88 -13.23 -13.04
C CYS C 36 -31.87 -13.24 -13.13
N TYR C 37 -31.30 -12.05 -13.22
CA TYR C 37 -29.86 -11.89 -13.47
C TYR C 37 -29.06 -11.36 -12.29
N ILE C 38 -27.88 -11.91 -12.08
N ILE C 38 -27.88 -11.91 -12.06
CA ILE C 38 -26.98 -11.43 -11.02
CA ILE C 38 -27.00 -11.39 -11.01
C ILE C 38 -25.61 -11.20 -11.64
C ILE C 38 -25.61 -11.20 -11.61
N GLY C 39 -25.08 -9.98 -11.44
CA GLY C 39 -23.75 -9.62 -11.94
C GLY C 39 -22.90 -9.24 -10.72
N ASP C 40 -21.74 -9.88 -10.58
CA ASP C 40 -20.88 -9.65 -9.40
C ASP C 40 -19.91 -8.51 -9.63
N ASN C 41 -20.43 -7.35 -10.01
CA ASN C 41 -19.58 -6.21 -10.31
C ASN C 41 -18.55 -5.85 -9.25
N GLU C 42 -18.87 -6.06 -7.98
CA GLU C 42 -17.91 -5.74 -6.93
C GLU C 42 -16.60 -6.53 -7.05
N ARG C 43 -16.64 -7.71 -7.67
CA ARG C 43 -15.44 -8.51 -7.81
C ARG C 43 -15.02 -8.73 -9.25
N CYS C 44 -15.59 -7.94 -10.16
CA CYS C 44 -15.25 -8.00 -11.57
C CYS C 44 -13.92 -7.25 -11.68
N PRO C 45 -12.98 -7.72 -12.52
CA PRO C 45 -13.01 -8.89 -13.42
C PRO C 45 -12.62 -10.23 -12.83
N TYR C 46 -13.19 -11.29 -13.42
CA TYR C 46 -12.86 -12.66 -13.05
C TYR C 46 -11.72 -13.17 -13.93
N GLY C 47 -11.57 -12.53 -15.10
CA GLY C 47 -10.55 -12.98 -16.04
C GLY C 47 -9.18 -13.31 -15.49
N PRO C 48 -8.62 -12.45 -14.64
N PRO C 48 -8.61 -12.44 -14.64
CA PRO C 48 -7.29 -12.71 -14.07
CA PRO C 48 -7.29 -12.68 -14.07
C PRO C 48 -7.27 -13.52 -12.78
C PRO C 48 -7.27 -13.39 -12.71
N ARG C 49 -8.45 -13.81 -12.23
CA ARG C 49 -8.52 -14.52 -10.95
C ARG C 49 -8.23 -16.03 -11.02
N SER C 50 -7.86 -16.62 -9.88
CA SER C 50 -7.59 -18.05 -9.86
C SER C 50 -8.89 -18.82 -10.06
N VAL C 51 -8.77 -20.03 -10.56
CA VAL C 51 -9.93 -20.88 -10.81
C VAL C 51 -10.69 -21.17 -9.52
N GLU C 52 -9.97 -21.47 -8.44
CA GLU C 52 -10.62 -21.75 -7.16
C GLU C 52 -11.45 -20.58 -6.68
N GLU C 53 -10.91 -19.38 -6.79
CA GLU C 53 -11.63 -18.20 -6.36
C GLU C 53 -12.89 -17.98 -7.19
N VAL C 54 -12.76 -18.10 -8.51
CA VAL C 54 -13.90 -17.90 -9.38
C VAL C 54 -14.99 -18.90 -9.05
N GLN C 55 -14.61 -20.17 -8.85
CA GLN C 55 -15.62 -21.17 -8.53
C GLN C 55 -16.36 -20.79 -7.26
N SER C 56 -15.64 -20.30 -6.25
N SER C 56 -15.63 -20.30 -6.26
CA SER C 56 -16.31 -19.94 -5.01
CA SER C 56 -16.26 -19.92 -5.01
C SER C 56 -17.28 -18.77 -5.19
C SER C 56 -17.27 -18.80 -5.21
N PHE C 57 -16.89 -17.78 -5.98
CA PHE C 57 -17.76 -16.63 -6.24
C PHE C 57 -19.01 -17.08 -7.02
N VAL C 58 -18.81 -17.97 -7.99
CA VAL C 58 -19.92 -18.47 -8.80
C VAL C 58 -20.92 -19.21 -7.90
N PHE C 59 -20.41 -20.07 -7.01
CA PHE C 59 -21.34 -20.76 -6.13
C PHE C 59 -22.07 -19.82 -5.19
N GLU C 60 -21.45 -18.70 -4.82
CA GLU C 60 -22.14 -17.71 -4.00
C GLU C 60 -23.29 -17.10 -4.82
N MET C 61 -23.05 -16.88 -6.11
CA MET C 61 -24.13 -16.33 -6.94
C MET C 61 -25.25 -17.34 -7.11
N VAL C 62 -24.90 -18.61 -7.18
CA VAL C 62 -25.90 -19.66 -7.33
C VAL C 62 -26.77 -19.75 -6.07
N GLU C 63 -26.17 -19.57 -4.91
CA GLU C 63 -26.94 -19.62 -3.66
C GLU C 63 -27.95 -18.49 -3.67
N PHE C 64 -27.55 -17.34 -4.23
CA PHE C 64 -28.46 -16.21 -4.32
C PHE C 64 -29.62 -16.53 -5.28
N LEU C 65 -29.31 -17.04 -6.46
CA LEU C 65 -30.35 -17.35 -7.43
C LEU C 65 -31.30 -18.46 -6.96
N LYS C 66 -30.83 -19.33 -6.06
CA LYS C 66 -31.67 -20.43 -5.57
C LYS C 66 -32.87 -19.93 -4.77
N GLN C 67 -32.86 -18.65 -4.42
CA GLN C 67 -33.96 -18.06 -3.67
C GLN C 67 -35.17 -17.87 -4.59
N PHE C 68 -34.94 -18.02 -5.89
CA PHE C 68 -35.97 -17.88 -6.91
C PHE C 68 -36.33 -19.22 -7.51
N PRO C 69 -37.54 -19.33 -8.10
CA PRO C 69 -37.93 -20.62 -8.70
C PRO C 69 -37.22 -20.82 -10.05
N LEU C 70 -36.04 -21.42 -10.02
CA LEU C 70 -35.26 -21.59 -11.26
C LEU C 70 -35.65 -22.79 -12.09
N LYS C 71 -35.84 -22.59 -13.39
CA LYS C 71 -36.12 -23.73 -14.25
C LYS C 71 -34.81 -24.11 -14.97
N ALA C 72 -33.86 -23.17 -15.01
CA ALA C 72 -32.56 -23.42 -15.67
C ALA C 72 -31.59 -22.34 -15.24
N LEU C 73 -30.28 -22.60 -15.39
CA LEU C 73 -29.28 -21.61 -15.01
C LEU C 73 -28.38 -21.40 -16.22
N VAL C 74 -28.12 -20.14 -16.56
CA VAL C 74 -27.21 -19.81 -17.66
C VAL C 74 -25.99 -19.13 -17.04
N VAL C 75 -24.81 -19.68 -17.34
CA VAL C 75 -23.56 -19.08 -16.85
C VAL C 75 -23.20 -18.21 -18.05
N ALA C 76 -23.53 -16.93 -17.96
CA ALA C 76 -23.30 -16.00 -19.05
C ALA C 76 -21.84 -15.60 -19.24
N CYS C 77 -21.07 -15.69 -18.16
CA CYS C 77 -19.66 -15.29 -18.17
C CYS C 77 -18.78 -16.43 -18.71
N ASN C 78 -18.01 -16.18 -19.78
CA ASN C 78 -17.16 -17.23 -20.31
C ASN C 78 -16.07 -17.67 -19.30
N THR C 79 -15.56 -16.70 -18.54
CA THR C 79 -14.54 -17.02 -17.51
C THR C 79 -15.12 -17.92 -16.41
N ALA C 80 -16.32 -17.57 -15.97
CA ALA C 80 -17.00 -18.35 -14.94
C ALA C 80 -17.33 -19.75 -15.49
N ALA C 81 -17.77 -19.81 -16.74
CA ALA C 81 -18.10 -21.12 -17.33
C ALA C 81 -16.86 -22.00 -17.41
N ALA C 82 -15.75 -21.43 -17.84
CA ALA C 82 -14.52 -22.21 -17.96
C ALA C 82 -14.12 -22.79 -16.63
N ALA C 83 -14.30 -22.03 -15.57
CA ALA C 83 -13.88 -22.50 -14.27
C ALA C 83 -14.85 -23.36 -13.49
N THR C 84 -16.14 -23.20 -13.73
N THR C 84 -16.14 -23.13 -13.71
CA THR C 84 -17.11 -23.93 -12.91
CA THR C 84 -17.17 -23.77 -12.91
C THR C 84 -18.26 -24.68 -13.56
C THR C 84 -18.32 -24.56 -13.55
N LEU C 85 -18.41 -24.59 -14.89
CA LEU C 85 -19.53 -25.29 -15.52
C LEU C 85 -19.70 -26.76 -15.09
N ALA C 86 -18.63 -27.53 -15.14
CA ALA C 86 -18.71 -28.95 -14.77
C ALA C 86 -19.17 -29.12 -13.33
N ALA C 87 -18.62 -28.32 -12.43
CA ALA C 87 -18.99 -28.41 -11.03
C ALA C 87 -20.49 -28.09 -10.83
N LEU C 88 -20.99 -27.10 -11.58
N LEU C 88 -21.00 -27.11 -11.57
CA LEU C 88 -22.39 -26.71 -11.48
CA LEU C 88 -22.41 -26.74 -11.46
C LEU C 88 -23.35 -27.76 -12.04
C LEU C 88 -23.34 -27.79 -12.03
N GLN C 89 -22.99 -28.32 -13.20
CA GLN C 89 -23.82 -29.33 -13.84
C GLN C 89 -23.92 -30.56 -12.95
N GLU C 90 -22.85 -30.84 -12.21
CA GLU C 90 -22.83 -31.98 -11.30
C GLU C 90 -23.68 -31.69 -10.06
N ALA C 91 -23.56 -30.48 -9.52
CA ALA C 91 -24.29 -30.10 -8.30
C ALA C 91 -25.78 -29.80 -8.41
N LEU C 92 -26.21 -29.19 -9.51
CA LEU C 92 -27.61 -28.83 -9.68
C LEU C 92 -28.41 -29.89 -10.43
N SER C 93 -29.72 -29.92 -10.18
CA SER C 93 -30.63 -30.86 -10.83
C SER C 93 -31.27 -30.21 -12.08
N ILE C 94 -31.31 -28.88 -12.11
CA ILE C 94 -31.87 -28.15 -13.25
C ILE C 94 -30.81 -28.05 -14.37
N PRO C 95 -31.25 -27.78 -15.62
CA PRO C 95 -30.28 -27.66 -16.73
C PRO C 95 -29.37 -26.46 -16.50
N VAL C 96 -28.08 -26.63 -16.72
CA VAL C 96 -27.14 -25.52 -16.57
C VAL C 96 -26.52 -25.38 -17.96
N ILE C 97 -26.68 -24.19 -18.55
CA ILE C 97 -26.16 -23.91 -19.89
C ILE C 97 -25.06 -22.86 -19.76
N GLY C 98 -23.84 -23.21 -20.21
CA GLY C 98 -22.75 -22.25 -20.18
C GLY C 98 -22.63 -21.65 -21.58
N VAL C 99 -21.81 -20.60 -21.70
CA VAL C 99 -21.64 -19.91 -22.98
C VAL C 99 -20.55 -20.46 -23.90
N ILE C 100 -19.77 -21.39 -23.39
CA ILE C 100 -18.67 -21.94 -24.20
C ILE C 100 -19.12 -22.99 -25.21
N HIS C 101 -19.84 -24.01 -24.75
CA HIS C 101 -20.26 -25.06 -25.67
C HIS C 101 -21.12 -24.61 -26.82
N PRO C 102 -22.04 -23.67 -26.58
CA PRO C 102 -22.89 -23.22 -27.69
C PRO C 102 -22.07 -22.54 -28.78
N GLY C 103 -21.06 -21.78 -28.37
CA GLY C 103 -20.20 -21.11 -29.32
C GLY C 103 -19.37 -22.11 -30.11
N ALA C 104 -18.82 -23.11 -29.42
CA ALA C 104 -18.05 -24.15 -30.12
C ALA C 104 -18.95 -24.86 -31.14
N ARG C 105 -20.16 -25.21 -30.72
CA ARG C 105 -21.08 -25.91 -31.61
C ARG C 105 -21.39 -25.09 -32.89
N ALA C 106 -21.61 -23.80 -32.71
CA ALA C 106 -21.91 -22.93 -33.83
C ALA C 106 -20.68 -22.79 -34.73
N ALA C 107 -19.50 -22.76 -34.13
CA ALA C 107 -18.27 -22.67 -34.93
C ALA C 107 -18.14 -23.89 -35.85
N ILE C 108 -18.48 -25.08 -35.37
CA ILE C 108 -18.43 -26.28 -36.21
C ILE C 108 -19.46 -26.18 -37.35
N LYS C 109 -20.61 -25.57 -37.07
CA LYS C 109 -21.61 -25.39 -38.11
C LYS C 109 -21.17 -24.45 -39.22
N VAL C 110 -20.47 -23.36 -38.89
CA VAL C 110 -20.12 -22.40 -39.92
C VAL C 110 -18.76 -22.55 -40.59
N THR C 111 -17.85 -23.28 -39.97
CA THR C 111 -16.53 -23.42 -40.58
C THR C 111 -16.60 -24.30 -41.82
N LYS C 112 -15.80 -23.91 -42.81
CA LYS C 112 -15.70 -24.68 -44.03
C LYS C 112 -14.35 -25.37 -44.05
N LYS C 113 -13.35 -24.73 -43.43
CA LYS C 113 -11.98 -25.26 -43.39
C LYS C 113 -11.61 -26.08 -42.16
N GLY C 114 -12.44 -25.99 -41.12
CA GLY C 114 -12.13 -26.72 -39.90
C GLY C 114 -11.02 -26.05 -39.11
N LYS C 115 -10.88 -24.73 -39.27
CA LYS C 115 -9.84 -23.93 -38.61
C LYS C 115 -10.56 -22.79 -37.88
N ILE C 116 -10.55 -22.87 -36.56
CA ILE C 116 -11.29 -21.95 -35.71
C ILE C 116 -10.42 -21.19 -34.73
N GLY C 117 -10.67 -19.89 -34.63
CA GLY C 117 -9.96 -19.10 -33.64
C GLY C 117 -10.92 -18.77 -32.49
N VAL C 118 -10.38 -18.51 -31.31
N VAL C 118 -10.33 -18.54 -31.32
CA VAL C 118 -11.23 -18.08 -30.20
CA VAL C 118 -11.08 -18.19 -30.11
C VAL C 118 -10.41 -17.14 -29.34
C VAL C 118 -10.33 -17.08 -29.37
N ILE C 119 -11.05 -16.07 -28.89
CA ILE C 119 -10.39 -15.04 -28.07
C ILE C 119 -11.21 -14.92 -26.78
N GLY C 120 -10.55 -14.54 -25.69
CA GLY C 120 -11.25 -14.41 -24.42
C GLY C 120 -10.26 -13.98 -23.35
N THR C 121 -10.69 -14.04 -22.11
CA THR C 121 -9.83 -13.62 -21.00
C THR C 121 -8.74 -14.66 -20.80
N VAL C 122 -7.74 -14.29 -20.00
CA VAL C 122 -6.67 -15.21 -19.69
C VAL C 122 -7.26 -16.48 -19.03
N GLY C 123 -8.18 -16.33 -18.09
CA GLY C 123 -8.75 -17.50 -17.45
C GLY C 123 -9.47 -18.41 -18.44
N THR C 124 -10.23 -17.82 -19.34
CA THR C 124 -10.96 -18.63 -20.32
C THR C 124 -10.03 -19.41 -21.22
N ILE C 125 -9.02 -18.71 -21.73
CA ILE C 125 -8.08 -19.33 -22.64
C ILE C 125 -7.18 -20.37 -21.94
N GLN C 126 -6.69 -20.04 -20.73
CA GLN C 126 -5.84 -21.00 -20.02
C GLN C 126 -6.55 -22.29 -19.65
N SER C 127 -7.87 -22.25 -19.50
CA SER C 127 -8.64 -23.46 -19.15
C SER C 127 -8.61 -24.46 -20.30
N ASN C 128 -8.38 -23.94 -21.50
CA ASN C 128 -8.39 -24.68 -22.76
C ASN C 128 -9.74 -25.35 -23.00
N MET C 129 -10.79 -24.85 -22.36
N MET C 129 -10.80 -24.85 -22.35
CA MET C 129 -12.10 -25.45 -22.51
CA MET C 129 -12.11 -25.48 -22.53
C MET C 129 -12.64 -25.39 -23.94
C MET C 129 -12.63 -25.39 -23.96
N TYR C 130 -12.28 -24.34 -24.68
CA TYR C 130 -12.77 -24.22 -26.06
C TYR C 130 -12.17 -25.33 -26.93
N GLU C 131 -10.87 -25.52 -26.85
CA GLU C 131 -10.27 -26.58 -27.63
C GLU C 131 -10.85 -27.93 -27.22
N LYS C 132 -10.98 -28.17 -25.91
CA LYS C 132 -11.53 -29.45 -25.45
C LYS C 132 -12.97 -29.64 -25.94
N ALA C 133 -13.79 -28.60 -25.88
CA ALA C 133 -15.15 -28.74 -26.38
C ALA C 133 -15.22 -29.00 -27.87
N LEU C 134 -14.41 -28.28 -28.63
CA LEU C 134 -14.42 -28.45 -30.06
C LEU C 134 -13.97 -29.87 -30.43
N HIS C 135 -12.91 -30.31 -29.78
CA HIS C 135 -12.39 -31.63 -30.11
C HIS C 135 -13.29 -32.75 -29.68
N GLU C 136 -14.13 -32.51 -28.67
CA GLU C 136 -15.06 -33.54 -28.23
C GLU C 136 -16.02 -33.84 -29.38
N LEU C 137 -16.39 -32.80 -30.13
CA LEU C 137 -17.30 -32.98 -31.24
C LEU C 137 -16.59 -33.42 -32.52
N ASP C 138 -15.42 -32.85 -32.78
CA ASP C 138 -14.67 -33.19 -33.98
C ASP C 138 -13.18 -33.13 -33.66
N THR C 139 -12.56 -34.28 -33.60
CA THR C 139 -11.13 -34.32 -33.27
C THR C 139 -10.23 -33.66 -34.30
N TYR C 140 -10.67 -33.65 -35.56
CA TYR C 140 -9.86 -33.11 -36.65
C TYR C 140 -10.10 -31.64 -36.96
N LEU C 141 -10.12 -30.84 -35.91
CA LEU C 141 -10.26 -29.40 -36.10
C LEU C 141 -8.98 -28.78 -35.58
N LYS C 142 -8.59 -27.64 -36.16
CA LYS C 142 -7.42 -26.91 -35.70
C LYS C 142 -7.98 -25.68 -34.96
N VAL C 143 -7.60 -25.54 -33.70
CA VAL C 143 -8.10 -24.46 -32.86
C VAL C 143 -6.96 -23.55 -32.42
N HIS C 144 -7.11 -22.25 -32.64
CA HIS C 144 -6.10 -21.27 -32.23
C HIS C 144 -6.77 -20.44 -31.15
N SER C 145 -6.26 -20.52 -29.92
CA SER C 145 -6.86 -19.82 -28.78
C SER C 145 -5.90 -18.74 -28.30
N HIS C 146 -6.40 -17.51 -28.20
CA HIS C 146 -5.57 -16.39 -27.79
C HIS C 146 -6.25 -15.46 -26.77
N ALA C 147 -5.54 -15.16 -25.68
CA ALA C 147 -6.09 -14.26 -24.66
C ALA C 147 -5.96 -12.82 -25.12
N CYS C 148 -6.99 -12.03 -24.85
CA CYS C 148 -7.03 -10.61 -25.22
C CYS C 148 -7.43 -9.89 -23.93
N PRO C 149 -6.53 -9.91 -22.95
CA PRO C 149 -6.77 -9.29 -21.63
C PRO C 149 -7.28 -7.86 -21.54
N THR C 150 -6.93 -7.01 -22.49
CA THR C 150 -7.36 -5.61 -22.37
C THR C 150 -8.71 -5.30 -22.97
N LEU C 151 -9.26 -6.20 -23.77
CA LEU C 151 -10.47 -5.86 -24.47
C LEU C 151 -11.71 -5.63 -23.63
N ALA C 152 -11.92 -6.41 -22.57
CA ALA C 152 -13.13 -6.19 -21.78
C ALA C 152 -13.11 -4.82 -21.08
N THR C 153 -11.93 -4.44 -20.57
CA THR C 153 -11.79 -3.14 -19.91
C THR C 153 -12.01 -2.03 -20.93
N VAL C 154 -11.49 -2.22 -22.15
CA VAL C 154 -11.69 -1.23 -23.21
C VAL C 154 -13.18 -1.01 -23.44
N VAL C 155 -13.93 -2.10 -23.50
CA VAL C 155 -15.35 -2.00 -23.75
C VAL C 155 -16.09 -1.27 -22.62
N GLU C 156 -15.71 -1.52 -21.37
CA GLU C 156 -16.40 -0.86 -20.27
C GLU C 156 -15.95 0.57 -19.99
N ASN C 157 -14.70 0.89 -20.29
CA ASN C 157 -14.20 2.22 -19.93
C ASN C 157 -13.62 3.13 -21.00
N ARG C 158 -13.49 2.66 -22.23
CA ARG C 158 -12.85 3.47 -23.27
C ARG C 158 -13.56 3.35 -24.62
N LEU C 159 -14.77 2.79 -24.62
CA LEU C 159 -15.47 2.56 -25.87
C LEU C 159 -15.71 3.77 -26.77
N GLU C 160 -15.80 4.96 -26.17
CA GLU C 160 -16.05 6.18 -26.96
C GLU C 160 -14.79 6.67 -27.66
N ASP C 161 -13.63 6.25 -27.17
CA ASP C 161 -12.36 6.65 -27.76
C ASP C 161 -12.04 5.68 -28.89
N THR C 162 -12.64 5.93 -30.05
CA THR C 162 -12.50 5.06 -31.20
C THR C 162 -11.09 4.78 -31.70
N ALA C 163 -10.21 5.77 -31.63
CA ALA C 163 -8.83 5.56 -32.08
C ALA C 163 -8.17 4.55 -31.14
N TYR C 164 -8.47 4.68 -29.85
CA TYR C 164 -7.88 3.81 -28.87
C TYR C 164 -8.42 2.40 -29.02
N VAL C 165 -9.72 2.29 -29.27
CA VAL C 165 -10.35 0.97 -29.42
C VAL C 165 -9.74 0.29 -30.65
N THR C 166 -9.60 1.03 -31.74
CA THR C 166 -9.01 0.45 -32.95
C THR C 166 -7.59 -0.05 -32.69
N GLN C 167 -6.79 0.75 -32.00
CA GLN C 167 -5.43 0.34 -31.71
C GLN C 167 -5.36 -0.90 -30.83
N GLN C 168 -6.26 -0.99 -29.85
CA GLN C 168 -6.26 -2.11 -28.93
C GLN C 168 -6.78 -3.39 -29.59
N VAL C 169 -7.75 -3.25 -30.48
CA VAL C 169 -8.29 -4.42 -31.19
C VAL C 169 -7.19 -4.91 -32.12
N LYS C 170 -6.50 -3.98 -32.77
CA LYS C 170 -5.41 -4.35 -33.68
C LYS C 170 -4.32 -5.14 -32.95
N GLN C 171 -3.90 -4.65 -31.78
CA GLN C 171 -2.87 -5.32 -31.01
C GLN C 171 -3.32 -6.69 -30.49
N ALA C 172 -4.56 -6.77 -30.04
CA ALA C 172 -5.10 -8.00 -29.50
C ALA C 172 -5.24 -9.09 -30.56
N LEU C 173 -5.65 -8.72 -31.77
CA LEU C 173 -5.87 -9.70 -32.84
C LEU C 173 -4.66 -9.99 -33.72
N LEU C 174 -3.57 -9.26 -33.51
CA LEU C 174 -2.37 -9.49 -34.34
C LEU C 174 -2.00 -10.97 -34.46
N PRO C 175 -1.89 -11.68 -33.33
CA PRO C 175 -1.54 -13.09 -33.46
C PRO C 175 -2.51 -13.91 -34.34
N LEU C 176 -3.80 -13.59 -34.33
CA LEU C 176 -4.76 -14.33 -35.14
C LEU C 176 -4.71 -13.96 -36.60
N THR C 177 -4.24 -12.75 -36.92
CA THR C 177 -4.18 -12.37 -38.33
C THR C 177 -3.10 -13.21 -39.00
N LYS C 178 -2.21 -13.79 -38.21
CA LYS C 178 -1.11 -14.62 -38.73
C LYS C 178 -1.53 -16.07 -38.95
N GLU C 179 -2.68 -16.42 -38.38
CA GLU C 179 -3.17 -17.78 -38.49
C GLU C 179 -4.22 -17.95 -39.56
N ASP C 180 -4.32 -19.17 -40.04
CA ASP C 180 -5.29 -19.54 -41.04
C ASP C 180 -6.56 -19.99 -40.30
N ILE C 181 -7.55 -19.10 -40.26
CA ILE C 181 -8.84 -19.46 -39.64
C ILE C 181 -9.95 -18.90 -40.51
N ASP C 182 -11.14 -19.52 -40.46
CA ASP C 182 -12.24 -18.95 -41.21
C ASP C 182 -13.43 -18.68 -40.28
N THR C 183 -13.20 -18.85 -38.99
CA THR C 183 -14.23 -18.68 -37.97
C THR C 183 -13.60 -18.18 -36.68
N LEU C 184 -14.22 -17.21 -36.01
CA LEU C 184 -13.68 -16.69 -34.76
C LEU C 184 -14.79 -16.67 -33.71
N ILE C 185 -14.57 -17.33 -32.57
CA ILE C 185 -15.56 -17.32 -31.49
C ILE C 185 -15.22 -16.16 -30.55
N LEU C 186 -16.19 -15.28 -30.31
CA LEU C 186 -16.01 -14.19 -29.34
C LEU C 186 -16.27 -14.81 -27.96
N GLY C 187 -15.20 -15.34 -27.35
CA GLY C 187 -15.28 -16.04 -26.09
C GLY C 187 -15.28 -15.18 -24.84
N CYS C 188 -16.01 -14.07 -24.90
CA CYS C 188 -16.10 -13.14 -23.77
C CYS C 188 -17.39 -12.35 -23.91
N THR C 189 -18.05 -12.11 -22.78
CA THR C 189 -19.30 -11.37 -22.78
C THR C 189 -19.21 -10.00 -23.43
N HIS C 190 -18.05 -9.36 -23.34
CA HIS C 190 -17.93 -7.99 -23.82
C HIS C 190 -17.65 -7.79 -25.31
N TYR C 191 -17.14 -8.83 -25.95
CA TYR C 191 -16.72 -8.69 -27.32
C TYR C 191 -17.73 -8.35 -28.39
N PRO C 192 -19.01 -8.69 -28.20
CA PRO C 192 -19.99 -8.33 -29.24
C PRO C 192 -19.98 -6.81 -29.47
N LEU C 193 -19.66 -6.04 -28.43
N LEU C 193 -19.69 -6.02 -28.45
CA LEU C 193 -19.61 -4.57 -28.53
CA LEU C 193 -19.66 -4.57 -28.63
C LEU C 193 -18.43 -4.08 -29.34
C LEU C 193 -18.56 -4.15 -29.59
N LEU C 194 -17.57 -5.00 -29.75
CA LEU C 194 -16.41 -4.70 -30.61
C LEU C 194 -16.50 -5.37 -31.96
N GLU C 195 -17.61 -6.00 -32.26
CA GLU C 195 -17.73 -6.74 -33.52
C GLU C 195 -17.29 -6.01 -34.76
N SER C 196 -17.70 -4.76 -34.94
CA SER C 196 -17.29 -4.01 -36.12
C SER C 196 -15.77 -3.88 -36.24
N TYR C 197 -15.11 -3.57 -35.12
CA TYR C 197 -13.66 -3.41 -35.13
C TYR C 197 -12.99 -4.72 -35.49
N ILE C 198 -13.48 -5.79 -34.90
CA ILE C 198 -12.93 -7.12 -35.13
C ILE C 198 -13.07 -7.56 -36.58
N LYS C 199 -14.22 -7.32 -37.18
CA LYS C 199 -14.49 -7.68 -38.58
C LYS C 199 -13.53 -6.93 -39.48
N LYS C 200 -13.32 -5.65 -39.18
CA LYS C 200 -12.42 -4.83 -39.97
C LYS C 200 -11.00 -5.37 -39.91
N GLU C 201 -10.59 -5.83 -38.73
CA GLU C 201 -9.24 -6.33 -38.53
C GLU C 201 -8.98 -7.71 -39.17
N LEU C 202 -9.96 -8.60 -39.12
CA LEU C 202 -9.77 -9.94 -39.67
C LEU C 202 -10.23 -10.14 -41.12
N GLY C 203 -11.13 -9.29 -41.60
CA GLY C 203 -11.58 -9.41 -42.97
C GLY C 203 -12.88 -10.16 -43.18
N GLU C 204 -13.39 -10.14 -44.41
CA GLU C 204 -14.64 -10.82 -44.75
C GLU C 204 -14.56 -12.33 -44.77
N ASP C 205 -13.36 -12.88 -44.84
CA ASP C 205 -13.19 -14.33 -44.90
C ASP C 205 -13.40 -15.05 -43.55
N VAL C 206 -13.57 -14.29 -42.48
CA VAL C 206 -13.72 -14.90 -41.16
C VAL C 206 -15.09 -14.66 -40.56
N THR C 207 -15.84 -15.74 -40.31
CA THR C 207 -17.18 -15.60 -39.72
C THR C 207 -17.07 -15.43 -38.19
N ILE C 208 -17.71 -14.38 -37.71
N ILE C 208 -17.70 -14.40 -37.64
CA ILE C 208 -17.73 -14.03 -36.30
CA ILE C 208 -17.62 -14.15 -36.21
C ILE C 208 -18.87 -14.76 -35.61
C ILE C 208 -18.83 -14.65 -35.41
N ILE C 209 -18.57 -15.29 -34.43
N ILE C 209 -18.56 -15.56 -34.47
CA ILE C 209 -19.59 -15.99 -33.66
CA ILE C 209 -19.57 -16.19 -33.61
C ILE C 209 -19.73 -15.32 -32.32
C ILE C 209 -19.75 -15.48 -32.25
N SER C 210 -20.98 -15.02 -31.97
CA SER C 210 -21.29 -14.36 -30.69
C SER C 210 -21.69 -15.41 -29.67
N SER C 211 -21.08 -15.38 -28.48
CA SER C 211 -21.44 -16.35 -27.45
C SER C 211 -22.88 -16.12 -27.07
N ALA C 212 -23.32 -14.87 -27.06
CA ALA C 212 -24.69 -14.54 -26.63
C ALA C 212 -25.76 -15.12 -27.56
N GLU C 213 -25.60 -14.89 -28.85
CA GLU C 213 -26.57 -15.37 -29.82
C GLU C 213 -26.69 -16.89 -29.81
N GLU C 214 -25.54 -17.57 -29.69
CA GLU C 214 -25.59 -19.02 -29.73
C GLU C 214 -26.06 -19.65 -28.43
N THR C 215 -25.82 -18.99 -27.31
CA THR C 215 -26.25 -19.55 -26.03
C THR C 215 -27.76 -19.46 -25.91
N ALA C 216 -28.34 -18.39 -26.44
CA ALA C 216 -29.80 -18.29 -26.35
C ALA C 216 -30.47 -19.39 -27.17
N ILE C 217 -29.95 -19.68 -28.37
CA ILE C 217 -30.59 -20.73 -29.12
C ILE C 217 -30.33 -22.10 -28.48
N GLU C 218 -29.18 -22.29 -27.83
CA GLU C 218 -28.91 -23.55 -27.15
C GLU C 218 -29.91 -23.71 -26.01
N LEU C 219 -30.12 -22.64 -25.25
CA LEU C 219 -31.09 -22.67 -24.15
C LEU C 219 -32.49 -23.01 -24.70
N SER C 220 -32.88 -22.35 -25.78
CA SER C 220 -34.18 -22.60 -26.39
C SER C 220 -34.35 -24.08 -26.75
N THR C 221 -33.32 -24.65 -27.38
CA THR C 221 -33.33 -26.05 -27.79
C THR C 221 -33.55 -26.98 -26.60
N ILE C 222 -32.82 -26.73 -25.52
CA ILE C 222 -32.92 -27.56 -24.33
C ILE C 222 -34.25 -27.38 -23.60
N LEU C 223 -34.74 -26.14 -23.47
CA LEU C 223 -36.02 -25.96 -22.78
C LEU C 223 -37.13 -26.68 -23.56
N GLN C 224 -37.11 -26.60 -24.89
CA GLN C 224 -38.16 -27.26 -25.65
C GLN C 224 -38.02 -28.78 -25.59
N HIS C 225 -36.79 -29.27 -25.66
CA HIS C 225 -36.54 -30.73 -25.58
C HIS C 225 -37.10 -31.28 -24.28
N LYS C 226 -36.96 -30.50 -23.20
CA LYS C 226 -37.43 -30.92 -21.88
C LYS C 226 -38.91 -30.61 -21.64
N GLY C 227 -39.55 -29.94 -22.59
CA GLY C 227 -40.96 -29.61 -22.47
C GLY C 227 -41.26 -28.60 -21.39
N ILE C 228 -40.35 -27.64 -21.18
CA ILE C 228 -40.54 -26.65 -20.13
C ILE C 228 -40.51 -25.18 -20.59
N LEU C 229 -40.90 -24.92 -21.83
CA LEU C 229 -40.95 -23.56 -22.33
C LEU C 229 -42.07 -22.83 -21.62
N ALA C 230 -41.85 -21.55 -21.32
CA ALA C 230 -42.87 -20.72 -20.69
C ALA C 230 -43.85 -20.29 -21.78
N ASP C 231 -45.05 -19.86 -21.38
CA ASP C 231 -46.06 -19.38 -22.33
C ASP C 231 -46.49 -17.94 -22.03
N ASN C 232 -45.74 -17.26 -21.17
CA ASN C 232 -46.00 -15.88 -20.74
C ASN C 232 -45.86 -14.85 -21.87
N LEU C 233 -46.95 -14.15 -22.18
N LEU C 233 -46.93 -14.15 -22.22
CA LEU C 233 -46.95 -13.17 -23.27
CA LEU C 233 -46.82 -13.18 -23.31
C LEU C 233 -46.36 -11.80 -22.94
C LEU C 233 -46.07 -11.91 -22.95
N ASN C 234 -46.08 -11.55 -21.66
CA ASN C 234 -45.44 -10.31 -21.26
C ASN C 234 -44.71 -10.47 -19.94
N PRO C 235 -43.56 -11.15 -19.97
CA PRO C 235 -42.78 -11.36 -18.75
C PRO C 235 -42.04 -10.09 -18.35
N LYS C 236 -41.56 -10.09 -17.10
CA LYS C 236 -40.75 -9.00 -16.60
C LYS C 236 -39.44 -9.61 -16.11
N HIS C 237 -38.36 -8.84 -16.20
CA HIS C 237 -37.04 -9.34 -15.82
C HIS C 237 -36.48 -8.54 -14.66
N ARG C 238 -35.62 -9.18 -13.88
CA ARG C 238 -35.01 -8.49 -12.76
C ARG C 238 -33.52 -8.65 -12.79
N PHE C 239 -32.83 -7.58 -12.45
CA PHE C 239 -31.37 -7.60 -12.46
C PHE C 239 -30.83 -7.22 -11.10
N PHE C 240 -29.75 -7.86 -10.69
CA PHE C 240 -29.14 -7.63 -9.39
C PHE C 240 -27.63 -7.45 -9.57
N THR C 241 -27.01 -6.61 -8.74
CA THR C 241 -25.57 -6.40 -8.85
C THR C 241 -24.97 -6.27 -7.48
N THR C 242 -23.72 -6.71 -7.34
CA THR C 242 -23.04 -6.55 -6.07
C THR C 242 -22.30 -5.20 -6.02
N GLY C 243 -22.26 -4.48 -7.15
CA GLY C 243 -21.58 -3.20 -7.17
C GLY C 243 -22.57 -2.05 -7.09
N SER C 244 -22.16 -0.90 -7.58
CA SER C 244 -22.99 0.29 -7.58
C SER C 244 -24.23 0.07 -8.46
N VAL C 245 -25.40 0.32 -7.90
CA VAL C 245 -26.64 0.18 -8.65
C VAL C 245 -26.71 1.25 -9.74
N SER C 246 -26.35 2.50 -9.42
CA SER C 246 -26.40 3.54 -10.45
C SER C 246 -25.43 3.29 -11.60
N SER C 247 -24.25 2.73 -11.31
CA SER C 247 -23.29 2.45 -12.39
C SER C 247 -23.89 1.40 -13.33
N PHE C 248 -24.46 0.34 -12.75
CA PHE C 248 -25.06 -0.72 -13.55
C PHE C 248 -26.18 -0.19 -14.43
N GLU C 249 -27.11 0.54 -13.83
CA GLU C 249 -28.24 1.09 -14.58
C GLU C 249 -27.79 1.96 -15.74
N HIS C 250 -26.72 2.73 -15.51
CA HIS C 250 -26.19 3.63 -16.52
C HIS C 250 -25.59 2.88 -17.72
N ILE C 251 -24.75 1.88 -17.46
CA ILE C 251 -24.16 1.10 -18.54
C ILE C 251 -25.26 0.30 -19.24
N ALA C 252 -26.16 -0.28 -18.44
CA ALA C 252 -27.25 -1.07 -19.00
C ALA C 252 -28.09 -0.25 -19.97
N GLU C 253 -28.42 0.99 -19.60
CA GLU C 253 -29.22 1.81 -20.50
C GLU C 253 -28.44 2.10 -21.78
N ARG C 254 -27.13 2.29 -21.67
CA ARG C 254 -26.30 2.55 -22.86
C ARG C 254 -26.23 1.33 -23.77
N TRP C 255 -26.06 0.14 -23.20
CA TRP C 255 -25.95 -1.06 -24.02
C TRP C 255 -27.27 -1.57 -24.59
N LEU C 256 -28.30 -1.57 -23.76
CA LEU C 256 -29.60 -2.07 -24.16
C LEU C 256 -30.48 -1.07 -24.91
N GLY C 257 -30.30 0.21 -24.61
CA GLY C 257 -31.12 1.22 -25.26
C GLY C 257 -32.37 1.58 -24.45
N TYR C 258 -32.48 1.00 -23.25
CA TYR C 258 -33.62 1.29 -22.39
C TYR C 258 -33.30 0.99 -20.93
N GLN C 259 -34.13 1.51 -20.02
CA GLN C 259 -33.91 1.31 -18.58
C GLN C 259 -34.42 -0.03 -18.08
N ILE C 260 -33.74 -0.58 -17.07
CA ILE C 260 -34.13 -1.87 -16.50
C ILE C 260 -34.25 -1.83 -14.98
N SER C 261 -34.82 -2.89 -14.40
CA SER C 261 -34.97 -2.96 -12.94
C SER C 261 -33.67 -3.50 -12.35
N VAL C 262 -32.98 -2.67 -11.56
CA VAL C 262 -31.74 -3.10 -10.90
C VAL C 262 -31.77 -2.92 -9.39
N ASP C 263 -31.35 -3.95 -8.68
CA ASP C 263 -31.27 -3.91 -7.23
C ASP C 263 -29.92 -4.39 -6.72
N CYS C 264 -29.57 -3.92 -5.52
CA CYS C 264 -28.31 -4.25 -4.86
C CYS C 264 -28.41 -5.60 -4.15
N VAL C 265 -27.27 -6.27 -4.03
CA VAL C 265 -27.25 -7.55 -3.34
C VAL C 265 -25.88 -7.74 -2.72
N ASP C 266 -25.85 -8.41 -1.57
CA ASP C 266 -24.61 -8.72 -0.88
C ASP C 266 -24.32 -10.22 -0.95
N LEU C 267 -23.09 -10.58 -1.27
CA LEU C 267 -22.70 -11.98 -1.32
C LEU C 267 -21.57 -12.13 -0.31
N PRO C 268 -21.51 -13.27 0.40
CA PRO C 268 -22.42 -14.41 0.33
C PRO C 268 -23.74 -14.07 0.99
N VAL C 269 -24.81 -14.70 0.51
CA VAL C 269 -26.14 -14.47 1.05
C VAL C 269 -26.16 -14.79 2.55
N LYS C 270 -26.84 -13.91 3.29
CA LYS C 270 -26.97 -14.02 4.75
C LYS C 270 -25.72 -13.59 5.49
#